data_3D87
#
_entry.id   3D87
#
_cell.length_a   110.098
_cell.length_b   240.587
_cell.length_c   141.781
_cell.angle_alpha   90.00
_cell.angle_beta   90.00
_cell.angle_gamma   90.00
#
_symmetry.space_group_name_H-M   'C 2 2 21'
#
loop_
_entity.id
_entity.type
_entity.pdbx_description
1 polymer 'Interleukin-23 subunit p19'
2 polymer 'Interleukin-12 subunit p40'
3 non-polymer 'PHOSPHATE ION'
4 non-polymer 'POTASSIUM ION'
5 non-polymer alpha-D-mannopyranose
#
loop_
_entity_poly.entity_id
_entity_poly.type
_entity_poly.pdbx_seq_one_letter_code
_entity_poly.pdbx_strand_id
1 'polypeptide(L)'
;RAVPGGSSPAWTQCQQLSQKLCTLAWSAHPLVGHMDLREEGDEETTNDVPHIQCGDGCDPQGLRDNSQFCLQRIHQGLIF
YEKLLGSDIFTGEPSLLPDSPVGQLHASLLGLSQLLQPEGHHWETQQIPSLSPSQPWQRLLLRFKILRSLQAFVAVAARV
FAHGAATLSPGSHHHHHH
;
A,C
2 'polypeptide(L)'
;IWELKKDVYVVELDWYPDAPGEMVVLTCDTPEEDGITWTLDQSSEVLGSGKTLTIQVKEFGDAGQYTCHKGGEVLSHSLL
LLHKKEDGIWSTDILKDQKEPKNKTFLRCEAKNYSGRFTCWWLTTISTDLTFSVKSSRGSSDPQGVTCGAATLSAERVRG
DNKEYEYSVECQEDSACPAAEESLPIEVMVDAVHKLKYEQYTSSFFIRDIIKPDPPKNLQLKPLKNSRQVEVSWEYPDTW
STPHSYFSLTFCVQVQGKSKREKKDRVFTDKTSATVICRKNASISVRAQDRYYSSSWSEWASVPCS
;
B,D
#
loop_
_chem_comp.id
_chem_comp.type
_chem_comp.name
_chem_comp.formula
K non-polymer 'POTASSIUM ION' 'K 1'
MAN D-saccharide, alpha linking alpha-D-mannopyranose 'C6 H12 O6'
PO4 non-polymer 'PHOSPHATE ION' 'O4 P -3'
#
# COMPACT_ATOMS: atom_id res chain seq x y z
N ARG A 1 -18.14 -0.68 42.79
CA ARG A 1 -19.01 -1.84 42.60
C ARG A 1 -18.25 -3.09 42.82
N ALA A 2 -18.99 -4.18 42.77
CA ALA A 2 -18.45 -5.54 42.82
C ALA A 2 -18.30 -5.94 41.37
N VAL A 3 -17.29 -6.75 41.13
CA VAL A 3 -16.99 -7.23 39.81
C VAL A 3 -18.23 -7.99 39.42
N PRO A 4 -18.82 -7.63 38.28
CA PRO A 4 -19.98 -8.22 37.61
C PRO A 4 -19.86 -9.73 37.54
N GLY A 5 -20.90 -10.41 37.09
CA GLY A 5 -20.86 -11.85 36.96
C GLY A 5 -21.91 -12.18 35.94
N GLY A 6 -22.18 -13.49 35.82
CA GLY A 6 -23.26 -13.97 34.97
C GLY A 6 -23.12 -14.82 33.74
N SER A 7 -23.80 -14.37 32.69
CA SER A 7 -23.89 -15.09 31.43
C SER A 7 -22.59 -15.62 30.83
N SER A 8 -22.44 -16.93 30.93
CA SER A 8 -21.32 -17.67 30.35
C SER A 8 -21.72 -17.83 28.88
N PRO A 9 -20.85 -17.43 27.94
CA PRO A 9 -21.13 -17.45 26.50
C PRO A 9 -20.90 -18.77 25.74
N ALA A 10 -21.11 -18.70 24.42
CA ALA A 10 -20.97 -19.88 23.57
C ALA A 10 -19.53 -20.02 23.15
N TRP A 11 -18.71 -20.29 24.15
CA TRP A 11 -17.27 -20.46 24.01
C TRP A 11 -16.85 -21.00 22.68
N THR A 12 -17.49 -22.10 22.29
CA THR A 12 -17.28 -22.75 21.02
C THR A 12 -17.63 -21.82 19.89
N GLN A 13 -18.83 -21.24 19.97
CA GLN A 13 -19.32 -20.31 18.97
C GLN A 13 -18.35 -19.16 18.91
N CYS A 14 -17.99 -18.71 20.09
CA CYS A 14 -17.07 -17.60 20.26
C CYS A 14 -15.68 -17.93 19.81
N GLN A 15 -15.18 -19.08 20.25
CA GLN A 15 -13.85 -19.55 19.88
C GLN A 15 -13.67 -19.48 18.35
N GLN A 16 -14.56 -20.14 17.62
CA GLN A 16 -14.54 -20.17 16.17
C GLN A 16 -14.79 -18.78 15.62
N LEU A 17 -15.71 -18.08 16.26
CA LEU A 17 -16.05 -16.77 15.76
C LEU A 17 -14.87 -15.83 15.89
N SER A 18 -14.15 -15.92 17.02
CA SER A 18 -12.95 -15.10 17.26
C SER A 18 -11.88 -15.52 16.28
N GLN A 19 -11.55 -16.81 16.32
CA GLN A 19 -10.54 -17.40 15.43
C GLN A 19 -10.58 -16.84 14.02
N LYS A 20 -11.79 -16.75 13.47
CA LYS A 20 -11.96 -16.20 12.14
C LYS A 20 -11.46 -14.75 12.16
N LEU A 21 -11.71 -14.05 13.27
CA LEU A 21 -11.31 -12.66 13.37
C LEU A 21 -9.82 -12.46 13.20
N CYS A 22 -9.03 -13.29 13.86
CA CYS A 22 -7.59 -13.19 13.76
C CYS A 22 -7.11 -13.38 12.31
N THR A 23 -7.89 -14.09 11.50
CA THR A 23 -7.55 -14.27 10.10
C THR A 23 -7.80 -12.99 9.33
N LEU A 24 -9.04 -12.55 9.34
CA LEU A 24 -9.44 -11.36 8.61
C LEU A 24 -8.62 -10.10 8.94
N ALA A 25 -8.14 -10.00 10.17
CA ALA A 25 -7.43 -8.77 10.59
C ALA A 25 -5.95 -8.64 10.22
N TRP A 26 -5.42 -9.61 9.50
CA TRP A 26 -4.04 -9.54 9.08
C TRP A 26 -3.98 -9.30 7.59
N SER A 27 -5.03 -8.66 7.07
CA SER A 27 -5.15 -8.40 5.65
C SER A 27 -3.88 -7.83 5.06
N ALA A 28 -3.59 -6.57 5.37
CA ALA A 28 -2.38 -5.89 4.89
C ALA A 28 -2.44 -5.40 3.44
N HIS A 29 -1.84 -4.25 3.19
CA HIS A 29 -1.87 -3.66 1.86
C HIS A 29 -0.45 -3.50 1.43
N PRO A 30 -0.13 -4.06 0.24
CA PRO A 30 1.19 -4.05 -0.38
C PRO A 30 1.89 -2.71 -0.16
N LEU A 31 1.19 -1.63 -0.53
CA LEU A 31 1.75 -0.28 -0.43
C LEU A 31 1.78 0.31 0.99
N VAL A 32 0.80 -0.01 1.79
CA VAL A 32 0.78 0.47 3.15
C VAL A 32 1.79 -0.38 3.91
N GLY A 33 1.72 -1.69 3.72
CA GLY A 33 2.62 -2.59 4.41
C GLY A 33 2.18 -2.75 5.84
N HIS A 34 3.07 -3.17 6.75
CA HIS A 34 2.63 -3.33 8.15
C HIS A 34 2.88 -2.24 9.16
N MET A 35 1.78 -1.57 9.47
CA MET A 35 1.69 -0.42 10.34
C MET A 35 2.33 -0.55 11.69
N ASP A 36 3.18 0.42 12.00
CA ASP A 36 3.85 0.49 13.28
C ASP A 36 3.63 1.95 13.65
N LEU A 37 3.34 2.25 14.91
CA LEU A 37 3.41 1.33 16.06
C LEU A 37 3.42 2.38 17.18
N ARG A 38 4.22 3.42 16.92
CA ARG A 38 4.45 4.58 17.79
C ARG A 38 3.25 5.19 18.51
N GLU A 39 3.33 5.14 19.84
CA GLU A 39 2.31 5.63 20.77
C GLU A 39 2.36 7.16 20.98
N GLU A 40 1.35 7.74 21.65
CA GLU A 40 0.18 7.03 22.20
C GLU A 40 0.35 6.32 23.54
N ASP A 48 -6.33 6.60 21.74
CA ASP A 48 -7.78 6.48 21.66
C ASP A 48 -8.28 5.20 20.97
N VAL A 49 -8.32 4.11 21.74
CA VAL A 49 -8.81 2.79 21.33
C VAL A 49 -8.76 1.92 22.58
N PRO A 50 -9.75 1.04 22.74
CA PRO A 50 -9.79 0.19 23.94
C PRO A 50 -8.72 -0.90 23.95
N HIS A 51 -8.48 -1.46 25.13
CA HIS A 51 -7.41 -2.45 25.29
C HIS A 51 -7.70 -3.53 26.30
N ILE A 52 -7.29 -4.74 26.00
CA ILE A 52 -7.41 -5.77 27.01
C ILE A 52 -6.16 -5.57 27.88
N GLN A 53 -6.39 -5.02 29.06
CA GLN A 53 -5.28 -4.75 29.96
C GLN A 53 -5.01 -5.83 30.96
N CYS A 54 -3.96 -5.58 31.68
CA CYS A 54 -3.49 -6.40 32.76
C CYS A 54 -4.59 -6.75 33.75
N GLY A 55 -5.14 -5.72 34.39
CA GLY A 55 -6.14 -5.91 35.41
C GLY A 55 -7.51 -6.26 34.89
N ASP A 56 -7.62 -6.52 33.59
CA ASP A 56 -8.91 -6.84 32.98
C ASP A 56 -9.34 -8.29 33.05
N GLY A 57 -8.61 -9.12 33.75
CA GLY A 57 -9.07 -10.47 33.95
C GLY A 57 -9.19 -11.45 32.80
N CYS A 58 -8.56 -11.18 31.66
CA CYS A 58 -8.59 -12.16 30.56
C CYS A 58 -7.46 -13.16 30.60
N ASP A 59 -6.56 -12.97 31.54
CA ASP A 59 -5.48 -13.89 31.68
C ASP A 59 -6.11 -15.14 32.25
N PRO A 60 -5.71 -16.29 31.74
CA PRO A 60 -6.22 -17.60 32.15
C PRO A 60 -6.58 -17.71 33.64
N GLN A 61 -5.70 -17.20 34.50
CA GLN A 61 -5.93 -17.26 35.95
C GLN A 61 -7.16 -16.49 36.38
N GLY A 62 -7.29 -15.28 35.87
CA GLY A 62 -8.44 -14.48 36.19
C GLY A 62 -9.65 -15.06 35.52
N LEU A 63 -9.47 -15.50 34.28
CA LEU A 63 -10.55 -16.11 33.52
C LEU A 63 -11.32 -17.18 34.29
N ARG A 64 -10.62 -17.90 35.18
CA ARG A 64 -11.23 -18.97 35.98
C ARG A 64 -12.01 -18.37 37.15
N ASP A 65 -11.39 -17.40 37.81
CA ASP A 65 -12.00 -16.71 38.93
C ASP A 65 -13.28 -16.12 38.42
N ASN A 66 -13.16 -15.25 37.44
CA ASN A 66 -14.28 -14.65 36.77
C ASN A 66 -13.78 -14.33 35.38
N SER A 67 -14.57 -13.63 34.60
CA SER A 67 -14.18 -13.40 33.23
C SER A 67 -15.20 -12.51 32.62
N GLN A 68 -16.16 -12.10 33.43
CA GLN A 68 -17.25 -11.27 32.95
C GLN A 68 -16.66 -9.90 32.67
N PHE A 69 -15.84 -9.41 33.58
CA PHE A 69 -15.20 -8.13 33.37
C PHE A 69 -14.37 -8.21 32.11
N CYS A 70 -13.55 -9.26 31.99
CA CYS A 70 -12.78 -9.40 30.78
C CYS A 70 -13.69 -9.41 29.55
N LEU A 71 -14.52 -10.44 29.45
CA LEU A 71 -15.47 -10.58 28.35
C LEU A 71 -16.15 -9.26 28.09
N GLN A 72 -16.40 -8.53 29.16
CA GLN A 72 -17.05 -7.23 29.06
C GLN A 72 -16.15 -6.28 28.34
N ARG A 73 -14.86 -6.33 28.62
CA ARG A 73 -13.95 -5.46 27.89
C ARG A 73 -13.88 -5.82 26.40
N ILE A 74 -13.80 -7.13 26.14
CA ILE A 74 -13.77 -7.61 24.78
C ILE A 74 -14.98 -7.03 24.02
N HIS A 75 -16.16 -7.09 24.63
CA HIS A 75 -17.36 -6.52 23.99
C HIS A 75 -17.10 -5.03 23.71
N GLN A 76 -16.47 -4.38 24.69
CA GLN A 76 -16.19 -2.98 24.52
C GLN A 76 -15.35 -2.73 23.26
N GLY A 77 -14.26 -3.52 23.15
CA GLY A 77 -13.30 -3.49 22.06
C GLY A 77 -13.96 -3.73 20.73
N LEU A 78 -14.64 -4.87 20.63
CA LEU A 78 -15.41 -5.19 19.42
C LEU A 78 -16.33 -4.03 19.02
N ILE A 79 -17.07 -3.54 20.00
CA ILE A 79 -18.00 -2.43 19.78
C ILE A 79 -17.25 -1.25 19.16
N PHE A 80 -16.09 -0.92 19.72
CA PHE A 80 -15.33 0.22 19.25
C PHE A 80 -14.68 0.05 17.87
N TYR A 81 -14.04 -1.10 17.69
CA TYR A 81 -13.46 -1.39 16.39
C TYR A 81 -14.61 -1.40 15.42
N GLU A 82 -15.64 -2.18 15.74
CA GLU A 82 -16.85 -2.24 14.92
C GLU A 82 -17.30 -0.84 14.40
N LYS A 83 -17.42 0.11 15.31
CA LYS A 83 -17.78 1.48 14.93
C LYS A 83 -16.81 2.02 13.90
N LEU A 84 -15.51 2.03 14.26
CA LEU A 84 -14.43 2.50 13.38
C LEU A 84 -14.54 1.94 11.99
N LEU A 85 -14.61 0.62 11.90
CA LEU A 85 -14.70 -0.07 10.62
C LEU A 85 -15.88 0.43 9.78
N GLY A 86 -16.99 0.75 10.44
CA GLY A 86 -18.16 1.29 9.76
C GLY A 86 -17.94 2.72 9.28
N SER A 87 -17.27 3.52 10.10
CA SER A 87 -16.98 4.92 9.74
C SER A 87 -16.43 5.08 8.33
N ASP A 88 -16.40 6.33 7.88
CA ASP A 88 -15.92 6.69 6.55
C ASP A 88 -14.48 6.33 6.35
N ILE A 89 -13.81 5.95 7.43
CA ILE A 89 -12.41 5.59 7.37
C ILE A 89 -12.22 4.52 6.31
N PHE A 90 -12.94 3.42 6.48
CA PHE A 90 -12.87 2.28 5.56
C PHE A 90 -13.89 2.39 4.46
N THR A 91 -14.63 3.49 4.44
CA THR A 91 -15.63 3.66 3.41
C THR A 91 -15.27 4.76 2.42
N GLY A 92 -14.28 5.56 2.80
CA GLY A 92 -13.73 6.59 1.96
C GLY A 92 -12.92 5.83 0.94
N GLU A 93 -12.28 6.53 0.03
CA GLU A 93 -11.45 5.86 -0.97
C GLU A 93 -10.03 5.84 -0.41
N PRO A 94 -9.18 4.89 -0.86
CA PRO A 94 -9.11 3.78 -1.80
C PRO A 94 -10.26 2.81 -1.66
N SER A 95 -11.44 3.32 -1.99
CA SER A 95 -12.70 2.61 -1.89
C SER A 95 -12.61 1.07 -2.00
N LEU A 96 -12.83 0.42 -0.84
CA LEU A 96 -12.80 -1.04 -0.76
C LEU A 96 -14.17 -1.68 -0.52
N LEU A 97 -14.42 -2.75 -1.32
CA LEU A 97 -15.70 -3.50 -1.39
C LEU A 97 -16.21 -4.26 -0.15
N PRO A 98 -17.56 -4.27 0.05
CA PRO A 98 -18.21 -4.94 1.19
C PRO A 98 -18.05 -6.48 1.20
N ASP A 99 -17.43 -7.00 0.14
CA ASP A 99 -17.18 -8.44 0.01
C ASP A 99 -15.71 -8.69 0.39
N SER A 100 -14.94 -7.60 0.40
CA SER A 100 -13.52 -7.59 0.73
C SER A 100 -13.29 -8.13 2.14
N PRO A 101 -12.04 -8.53 2.44
CA PRO A 101 -11.58 -9.04 3.74
C PRO A 101 -12.05 -8.10 4.85
N VAL A 102 -11.98 -6.81 4.57
CA VAL A 102 -12.44 -5.80 5.51
C VAL A 102 -13.97 -5.83 5.68
N GLY A 103 -14.69 -6.13 4.60
CA GLY A 103 -16.12 -6.23 4.67
C GLY A 103 -16.46 -7.31 5.67
N GLN A 104 -16.03 -8.54 5.41
CA GLN A 104 -16.31 -9.66 6.32
C GLN A 104 -15.87 -9.33 7.75
N LEU A 105 -14.92 -8.41 7.85
CA LEU A 105 -14.39 -7.97 9.13
C LEU A 105 -15.41 -7.28 9.97
N HIS A 106 -15.76 -6.06 9.58
CA HIS A 106 -16.79 -5.28 10.29
C HIS A 106 -17.93 -6.27 10.54
N ALA A 107 -18.23 -7.02 9.48
CA ALA A 107 -19.28 -8.02 9.54
C ALA A 107 -19.11 -8.91 10.78
N SER A 108 -18.01 -9.66 10.82
CA SER A 108 -17.75 -10.60 11.90
C SER A 108 -17.54 -10.00 13.28
N LEU A 109 -17.02 -8.78 13.31
CA LEU A 109 -16.78 -8.02 14.54
C LEU A 109 -18.09 -7.96 15.29
N LEU A 110 -18.95 -7.10 14.72
CA LEU A 110 -20.33 -6.93 15.15
C LEU A 110 -20.91 -8.26 15.59
N GLY A 111 -20.95 -9.21 14.66
CA GLY A 111 -21.46 -10.54 14.94
C GLY A 111 -21.03 -11.03 16.31
N LEU A 112 -19.73 -11.04 16.56
CA LEU A 112 -19.22 -11.49 17.84
C LEU A 112 -19.53 -10.49 18.95
N SER A 113 -19.68 -9.20 18.62
CA SER A 113 -20.10 -8.20 19.63
C SER A 113 -21.41 -8.73 20.15
N GLN A 114 -22.34 -8.87 19.20
CA GLN A 114 -23.69 -9.36 19.45
C GLN A 114 -23.65 -10.62 20.28
N LEU A 115 -22.75 -11.51 19.94
CA LEU A 115 -22.69 -12.77 20.64
C LEU A 115 -22.30 -12.62 22.11
N LEU A 116 -21.83 -11.43 22.48
CA LEU A 116 -21.39 -11.18 23.85
C LEU A 116 -22.41 -10.36 24.59
N GLN A 117 -22.85 -9.30 23.94
CA GLN A 117 -23.86 -8.40 24.47
C GLN A 117 -24.78 -8.17 23.28
N PRO A 118 -25.82 -9.01 23.15
CA PRO A 118 -26.86 -8.97 22.10
C PRO A 118 -27.53 -7.59 22.11
N GLU A 119 -26.69 -6.57 22.02
CA GLU A 119 -27.04 -5.14 22.11
C GLU A 119 -27.01 -4.71 23.58
N GLY A 120 -26.13 -3.78 23.92
CA GLY A 120 -25.96 -3.29 25.27
C GLY A 120 -27.23 -2.73 25.87
N HIS A 121 -28.37 -3.31 25.47
CA HIS A 121 -29.74 -2.90 25.87
C HIS A 121 -29.91 -1.43 25.46
N HIS A 122 -28.81 -0.94 24.92
CA HIS A 122 -28.50 0.44 24.57
C HIS A 122 -28.58 1.54 25.64
N TRP A 123 -27.91 1.27 26.76
CA TRP A 123 -27.63 2.30 27.74
C TRP A 123 -26.11 2.46 27.69
N GLU A 124 -25.70 3.62 27.18
CA GLU A 124 -24.30 3.97 26.90
C GLU A 124 -23.81 3.16 25.70
N THR A 125 -22.67 2.48 25.85
CA THR A 125 -22.13 1.67 24.77
C THR A 125 -21.69 2.58 23.63
N GLN A 126 -21.47 3.85 23.95
CA GLN A 126 -21.14 4.87 22.96
C GLN A 126 -19.67 4.95 22.53
N GLN A 127 -18.97 5.93 23.07
CA GLN A 127 -17.57 6.18 22.71
C GLN A 127 -17.44 6.28 21.20
N ILE A 128 -18.49 6.76 20.54
CA ILE A 128 -18.49 6.91 19.09
C ILE A 128 -17.24 7.67 18.65
N PRO A 129 -16.36 7.01 17.86
CA PRO A 129 -15.07 7.38 17.28
C PRO A 129 -14.67 8.88 17.27
N SER A 130 -13.36 9.11 17.18
CA SER A 130 -12.82 10.46 17.13
C SER A 130 -13.52 11.17 15.97
N LEU A 131 -12.90 11.15 14.79
CA LEU A 131 -13.46 11.76 13.57
C LEU A 131 -12.48 11.88 12.39
N SER A 132 -13.05 12.18 11.22
CA SER A 132 -12.34 12.43 9.95
C SER A 132 -11.47 11.29 9.38
N PRO A 133 -10.34 11.63 8.71
CA PRO A 133 -9.46 12.78 8.45
C PRO A 133 -9.65 13.55 7.13
N SER A 134 -10.40 12.98 6.19
CA SER A 134 -10.57 13.55 4.86
C SER A 134 -9.23 13.34 4.15
N GLN A 135 -9.26 13.24 2.84
CA GLN A 135 -8.03 12.95 2.08
C GLN A 135 -7.33 11.67 2.54
N PRO A 136 -7.60 10.57 1.83
CA PRO A 136 -7.32 9.14 1.78
C PRO A 136 -5.94 8.70 2.26
N TRP A 137 -4.95 9.57 2.13
CA TRP A 137 -3.64 9.18 2.59
C TRP A 137 -3.64 9.01 4.08
N GLN A 138 -4.00 10.06 4.80
CA GLN A 138 -4.11 9.93 6.25
C GLN A 138 -5.13 8.82 6.50
N ARG A 139 -6.14 8.82 5.65
CA ARG A 139 -7.19 7.86 5.78
C ARG A 139 -6.59 6.46 5.72
N LEU A 140 -5.99 6.14 4.57
CA LEU A 140 -5.35 4.86 4.34
C LEU A 140 -4.51 4.44 5.52
N LEU A 141 -3.63 5.32 5.97
CA LEU A 141 -2.80 5.00 7.12
C LEU A 141 -3.67 4.60 8.29
N LEU A 142 -4.61 5.47 8.63
CA LEU A 142 -5.48 5.24 9.74
C LEU A 142 -6.13 3.86 9.68
N ARG A 143 -6.72 3.55 8.51
CA ARG A 143 -7.32 2.23 8.21
C ARG A 143 -6.43 1.10 8.75
N PHE A 144 -5.17 1.16 8.36
CA PHE A 144 -4.26 0.12 8.72
C PHE A 144 -3.75 0.17 10.15
N LYS A 145 -3.78 1.35 10.73
CA LYS A 145 -3.33 1.52 12.11
C LYS A 145 -4.38 0.79 12.94
N ILE A 146 -5.63 1.04 12.60
CA ILE A 146 -6.73 0.43 13.29
C ILE A 146 -6.67 -1.07 13.07
N LEU A 147 -6.48 -1.50 11.82
CA LEU A 147 -6.37 -2.94 11.52
C LEU A 147 -5.28 -3.58 12.38
N ARG A 148 -4.18 -2.81 12.52
CA ARG A 148 -3.03 -3.15 13.35
C ARG A 148 -3.46 -3.43 14.78
N SER A 149 -3.98 -2.40 15.42
CA SER A 149 -4.43 -2.50 16.81
C SER A 149 -5.33 -3.70 16.94
N LEU A 150 -6.19 -3.87 15.95
CA LEU A 150 -7.16 -4.93 15.95
C LEU A 150 -6.52 -6.28 16.02
N GLN A 151 -5.54 -6.55 15.16
CA GLN A 151 -4.84 -7.86 15.15
C GLN A 151 -4.51 -8.30 16.54
N ALA A 152 -4.00 -7.37 17.34
CA ALA A 152 -3.59 -7.68 18.69
C ALA A 152 -4.78 -7.86 19.63
N PHE A 153 -5.78 -7.00 19.44
CA PHE A 153 -6.98 -7.10 20.23
C PHE A 153 -7.52 -8.48 20.02
N VAL A 154 -8.11 -8.69 18.85
CA VAL A 154 -8.66 -9.99 18.45
C VAL A 154 -7.81 -11.20 18.87
N ALA A 155 -6.48 -11.04 18.79
CA ALA A 155 -5.58 -12.11 19.24
C ALA A 155 -5.85 -12.54 20.71
N VAL A 156 -5.98 -11.57 21.62
CA VAL A 156 -6.22 -11.96 23.01
C VAL A 156 -7.57 -12.62 23.18
N ALA A 157 -8.55 -12.01 22.52
CA ALA A 157 -9.91 -12.49 22.59
C ALA A 157 -9.88 -13.94 22.22
N ALA A 158 -9.36 -14.21 21.04
CA ALA A 158 -9.28 -15.58 20.61
C ALA A 158 -8.69 -16.45 21.75
N ARG A 159 -7.63 -16.00 22.41
CA ARG A 159 -7.13 -16.82 23.49
C ARG A 159 -8.14 -16.97 24.60
N VAL A 160 -8.79 -15.87 24.96
CA VAL A 160 -9.81 -15.91 26.01
C VAL A 160 -10.84 -16.98 25.69
N PHE A 161 -11.54 -16.82 24.58
CA PHE A 161 -12.53 -17.79 24.19
C PHE A 161 -11.99 -19.22 24.05
N ALA A 162 -11.00 -19.39 23.17
CA ALA A 162 -10.39 -20.72 22.94
C ALA A 162 -10.06 -21.36 24.28
N HIS A 163 -9.72 -20.53 25.25
CA HIS A 163 -9.46 -21.07 26.56
C HIS A 163 -10.74 -21.41 27.32
N GLY A 164 -11.67 -20.46 27.41
CA GLY A 164 -12.92 -20.73 28.10
C GLY A 164 -13.54 -21.95 27.45
N ALA A 165 -13.56 -21.89 26.13
CA ALA A 165 -14.05 -22.94 25.27
C ALA A 165 -13.59 -24.34 25.70
N ALA A 166 -12.36 -24.41 26.17
CA ALA A 166 -11.79 -25.69 26.52
C ALA A 166 -11.97 -25.98 27.99
N THR A 167 -11.84 -24.94 28.80
CA THR A 167 -11.91 -25.11 30.23
C THR A 167 -13.24 -24.82 30.93
N LEU A 168 -14.30 -24.52 30.16
CA LEU A 168 -15.63 -24.26 30.73
C LEU A 168 -16.86 -24.73 29.91
N ILE B 1 27.92 16.90 27.92
CA ILE B 1 28.70 15.84 28.59
C ILE B 1 27.93 15.16 29.72
N TRP B 2 27.91 13.84 29.71
CA TRP B 2 27.21 13.14 30.75
C TRP B 2 27.99 11.92 31.17
N GLU B 3 27.67 11.42 32.35
CA GLU B 3 28.43 10.30 32.88
C GLU B 3 27.85 8.92 32.55
N LEU B 4 28.47 8.22 31.60
CA LEU B 4 28.02 6.91 31.17
C LEU B 4 28.27 5.85 32.21
N LYS B 5 29.30 6.08 33.01
CA LYS B 5 29.65 5.24 34.16
C LYS B 5 30.81 5.94 34.87
N LYS B 6 31.03 5.61 36.13
CA LYS B 6 32.04 6.27 36.97
C LYS B 6 33.31 6.66 36.24
N ASP B 7 33.65 7.95 36.25
CA ASP B 7 34.87 8.39 35.58
C ASP B 7 34.84 8.21 34.05
N VAL B 8 33.67 7.93 33.49
CA VAL B 8 33.56 7.76 32.05
C VAL B 8 32.42 8.63 31.60
N TYR B 9 32.68 9.42 30.56
CA TYR B 9 31.74 10.45 30.14
C TYR B 9 31.59 10.49 28.62
N VAL B 10 30.39 10.83 28.17
CA VAL B 10 30.10 10.89 26.73
C VAL B 10 29.93 12.33 26.37
N VAL B 11 30.53 12.71 25.26
CA VAL B 11 30.41 14.08 24.87
C VAL B 11 29.59 14.10 23.60
N GLU B 12 28.49 14.83 23.64
CA GLU B 12 27.62 14.86 22.48
C GLU B 12 28.07 15.93 21.55
N LEU B 13 28.64 15.49 20.44
CA LEU B 13 28.97 16.38 19.38
C LEU B 13 27.86 16.11 18.42
N ASP B 14 26.95 17.07 18.34
CA ASP B 14 25.91 17.12 17.32
C ASP B 14 26.79 17.91 16.36
N TRP B 15 26.57 17.86 15.06
CA TRP B 15 27.47 18.62 14.17
C TRP B 15 28.92 18.10 13.94
N TYR B 16 29.35 17.05 14.68
CA TYR B 16 30.70 16.42 14.56
C TYR B 16 31.73 17.10 13.64
N PRO B 17 32.89 17.54 14.20
CA PRO B 17 33.80 18.36 13.40
C PRO B 17 33.03 19.42 12.65
N ASP B 18 32.78 20.48 13.42
CA ASP B 18 32.04 21.64 12.99
C ASP B 18 31.89 22.44 14.27
N ALA B 19 31.81 23.76 14.12
CA ALA B 19 31.56 24.65 15.23
C ALA B 19 32.74 24.74 16.18
N PRO B 20 32.44 25.02 17.46
CA PRO B 20 33.48 25.03 18.48
C PRO B 20 33.45 23.67 19.18
N GLY B 21 32.48 22.84 18.82
CA GLY B 21 32.30 21.57 19.48
C GLY B 21 31.69 21.79 20.86
N GLU B 22 32.45 21.42 21.88
CA GLU B 22 31.95 21.56 23.22
C GLU B 22 33.06 21.82 24.23
N MET B 23 32.73 22.64 25.22
CA MET B 23 33.72 23.00 26.22
C MET B 23 33.51 22.21 27.49
N VAL B 24 34.35 21.20 27.64
CA VAL B 24 34.32 20.33 28.79
C VAL B 24 35.27 20.82 29.87
N VAL B 25 34.88 20.55 31.11
CA VAL B 25 35.67 20.88 32.27
C VAL B 25 35.80 19.58 32.99
N LEU B 26 37.03 19.17 33.25
CA LEU B 26 37.25 17.93 33.97
C LEU B 26 37.58 18.21 35.44
N THR B 27 37.33 17.24 36.28
CA THR B 27 37.65 17.43 37.67
C THR B 27 38.45 16.30 38.27
N CYS B 28 39.55 16.67 38.88
CA CYS B 28 40.32 15.68 39.58
C CYS B 28 39.48 15.40 40.83
N ASP B 29 39.23 14.13 41.10
CA ASP B 29 38.47 13.78 42.29
C ASP B 29 39.49 13.34 43.35
N THR B 30 39.77 14.23 44.30
CA THR B 30 40.74 13.95 45.34
C THR B 30 40.69 15.11 46.29
N PRO B 31 41.11 14.89 47.54
CA PRO B 31 41.21 15.91 48.60
C PRO B 31 42.16 16.96 48.11
N GLU B 32 43.32 16.45 47.69
CA GLU B 32 44.44 17.20 47.18
C GLU B 32 44.03 18.46 46.48
N GLU B 33 44.64 19.56 46.91
CA GLU B 33 44.34 20.87 46.39
C GLU B 33 45.52 21.46 45.63
N ASP B 34 46.71 20.92 45.88
CA ASP B 34 47.96 21.45 45.33
C ASP B 34 48.75 20.58 44.36
N GLY B 35 49.24 21.21 43.30
CA GLY B 35 50.05 20.57 42.27
C GLY B 35 49.36 19.48 41.47
N ILE B 36 48.16 19.78 40.95
CA ILE B 36 47.48 18.78 40.19
C ILE B 36 47.86 19.01 38.74
N THR B 37 48.05 17.93 37.99
CA THR B 37 48.33 18.09 36.59
C THR B 37 47.46 17.14 35.80
N TRP B 38 47.28 17.47 34.52
CA TRP B 38 46.45 16.69 33.66
C TRP B 38 47.22 16.23 32.46
N THR B 39 47.01 14.95 32.12
CA THR B 39 47.57 14.33 30.96
C THR B 39 46.47 13.46 30.28
N LEU B 40 46.59 13.28 28.97
CA LEU B 40 45.58 12.60 28.21
C LEU B 40 46.06 11.30 27.63
N ASP B 41 45.40 10.22 28.01
CA ASP B 41 45.80 8.90 27.59
C ASP B 41 47.23 8.79 28.09
N GLN B 42 48.20 8.59 27.22
CA GLN B 42 49.59 8.49 27.67
C GLN B 42 50.25 9.87 27.86
N SER B 43 50.96 10.35 26.84
CA SER B 43 51.58 11.69 26.83
C SER B 43 51.96 12.28 28.20
N SER B 44 53.27 12.43 28.45
CA SER B 44 53.71 13.03 29.71
C SER B 44 53.20 14.51 29.79
N GLU B 45 52.69 15.02 28.67
CA GLU B 45 52.27 16.40 28.49
C GLU B 45 51.25 16.94 29.43
N VAL B 46 51.65 17.94 30.20
CA VAL B 46 50.75 18.59 31.11
C VAL B 46 49.90 19.50 30.29
N LEU B 47 48.59 19.29 30.42
CA LEU B 47 47.55 19.98 29.65
C LEU B 47 46.96 21.15 30.42
N GLY B 48 47.30 21.21 31.70
CA GLY B 48 46.82 22.20 32.61
C GLY B 48 47.08 21.69 34.01
N SER B 49 46.88 22.56 34.99
CA SER B 49 47.00 22.17 36.37
C SER B 49 45.65 22.45 37.06
N GLY B 50 45.66 22.73 38.34
CA GLY B 50 44.38 22.98 39.02
C GLY B 50 43.58 21.71 39.16
N LYS B 51 42.58 21.66 40.02
CA LYS B 51 41.80 20.43 40.19
C LYS B 51 40.84 20.24 39.02
N THR B 52 40.77 21.24 38.15
CA THR B 52 39.86 21.15 37.02
C THR B 52 40.57 21.53 35.77
N LEU B 53 40.41 20.73 34.74
CA LEU B 53 41.01 21.08 33.49
C LEU B 53 39.85 21.44 32.62
N THR B 54 39.98 22.50 31.85
CA THR B 54 38.92 22.88 30.95
C THR B 54 39.41 22.74 29.53
N ILE B 55 38.68 22.00 28.71
CA ILE B 55 39.14 21.75 27.35
C ILE B 55 38.03 21.96 26.33
N GLN B 56 38.40 21.83 25.07
CA GLN B 56 37.44 21.93 24.00
C GLN B 56 37.45 20.56 23.36
N VAL B 57 36.29 20.12 22.86
CA VAL B 57 36.17 18.80 22.24
C VAL B 57 35.52 18.82 20.85
N LYS B 58 36.28 18.43 19.82
CA LYS B 58 35.82 18.35 18.41
C LYS B 58 35.97 16.92 17.85
N GLU B 59 37.20 16.45 17.65
CA GLU B 59 37.40 15.06 17.22
C GLU B 59 37.89 14.12 18.33
N PHE B 60 38.19 12.88 17.95
CA PHE B 60 38.65 11.89 18.91
C PHE B 60 39.92 12.28 19.59
N GLY B 61 40.82 12.93 18.88
CA GLY B 61 42.01 13.41 19.54
C GLY B 61 41.68 14.27 20.76
N ASP B 62 40.41 14.65 20.89
CA ASP B 62 39.98 15.50 22.00
C ASP B 62 39.55 14.70 23.21
N ALA B 63 39.15 13.46 22.97
CA ALA B 63 38.72 12.59 24.03
C ALA B 63 39.82 11.60 24.37
N GLY B 64 39.55 10.78 25.37
CA GLY B 64 40.46 9.73 25.81
C GLY B 64 40.38 9.71 27.31
N GLN B 65 41.33 9.05 27.96
CA GLN B 65 41.38 9.06 29.42
C GLN B 65 42.19 10.21 29.93
N TYR B 66 41.55 11.03 30.74
CA TYR B 66 42.22 12.14 31.32
C TYR B 66 42.74 11.71 32.68
N THR B 67 43.95 12.12 33.03
CA THR B 67 44.43 11.74 34.33
C THR B 67 45.01 12.92 35.08
N CYS B 68 44.77 12.95 36.39
CA CYS B 68 45.35 13.99 37.19
C CYS B 68 46.36 13.35 38.13
N HIS B 69 47.44 14.08 38.36
CA HIS B 69 48.50 13.60 39.19
C HIS B 69 49.00 14.64 40.18
N LYS B 70 49.55 14.15 41.26
CA LYS B 70 50.20 15.00 42.22
C LYS B 70 51.37 14.15 42.71
N GLY B 71 52.56 14.77 42.70
CA GLY B 71 53.78 14.12 43.15
C GLY B 71 53.95 12.73 42.58
N GLY B 72 53.73 12.61 41.28
CA GLY B 72 53.91 11.37 40.55
C GLY B 72 52.90 10.27 40.81
N GLU B 73 51.86 10.61 41.58
CA GLU B 73 50.83 9.65 41.94
C GLU B 73 49.65 9.89 41.02
N VAL B 74 48.90 8.83 40.68
CA VAL B 74 47.73 9.07 39.86
C VAL B 74 46.67 9.38 40.90
N LEU B 75 45.89 10.43 40.69
CA LEU B 75 44.92 10.84 41.68
C LEU B 75 43.54 10.31 41.36
N SER B 76 43.15 10.46 40.09
CA SER B 76 41.85 10.02 39.53
C SER B 76 41.88 10.20 38.02
N HIS B 77 40.90 9.62 37.35
CA HIS B 77 40.78 9.72 35.89
C HIS B 77 39.56 10.51 35.41
N SER B 78 39.14 10.20 34.18
CA SER B 78 38.03 10.85 33.50
C SER B 78 38.02 10.51 32.01
N LEU B 79 37.53 9.31 31.67
CA LEU B 79 37.49 8.89 30.28
C LEU B 79 36.36 9.58 29.48
N LEU B 80 36.73 10.23 28.37
CA LEU B 80 35.76 10.91 27.54
C LEU B 80 35.52 10.16 26.24
N LEU B 81 34.26 9.84 25.97
CA LEU B 81 33.93 9.18 24.71
C LEU B 81 33.18 10.18 23.92
N LEU B 82 33.12 10.00 22.63
CA LEU B 82 32.38 10.92 21.85
C LEU B 82 31.14 10.25 21.31
N HIS B 83 30.08 11.03 21.15
CA HIS B 83 28.86 10.56 20.52
C HIS B 83 28.81 11.48 19.32
N LYS B 84 28.88 10.92 18.11
CA LYS B 84 29.02 11.75 16.89
C LYS B 84 27.88 11.84 15.86
N LYS B 85 27.46 13.06 15.54
CA LYS B 85 26.40 13.29 14.56
C LYS B 85 26.96 13.45 13.16
N GLU B 86 26.97 12.33 12.45
CA GLU B 86 27.49 12.23 11.09
C GLU B 86 26.41 12.57 10.09
N ASP B 87 26.70 13.62 9.31
CA ASP B 87 25.79 14.14 8.28
C ASP B 87 24.35 14.22 8.74
N GLY B 88 24.19 14.75 9.95
CA GLY B 88 22.90 14.98 10.59
C GLY B 88 22.23 13.79 11.26
N ILE B 89 22.95 12.68 11.32
CA ILE B 89 22.41 11.46 11.88
C ILE B 89 23.50 10.78 12.71
N TRP B 90 23.13 10.31 13.89
CA TRP B 90 24.10 9.66 14.75
C TRP B 90 24.80 8.54 14.00
N SER B 91 25.87 8.03 14.61
CA SER B 91 26.72 7.00 14.02
C SER B 91 26.27 5.59 14.41
N THR B 92 26.64 4.60 13.59
CA THR B 92 26.27 3.19 13.79
C THR B 92 27.43 2.24 13.52
N ASP B 93 28.59 2.82 13.22
CA ASP B 93 29.83 2.12 12.94
C ASP B 93 30.02 0.79 13.67
N ILE B 94 29.39 0.69 14.83
CA ILE B 94 29.56 -0.50 15.66
C ILE B 94 28.86 -1.81 15.29
N LEU B 95 27.54 -1.84 15.47
CA LEU B 95 26.74 -3.03 15.18
C LEU B 95 26.55 -3.23 13.69
N LYS B 96 26.44 -4.49 13.28
CA LYS B 96 26.21 -4.83 11.88
C LYS B 96 24.69 -4.70 11.61
N ASP B 97 24.33 -4.10 10.47
CA ASP B 97 22.92 -3.90 10.09
C ASP B 97 22.16 -5.19 9.74
N GLN B 98 22.25 -6.16 10.66
CA GLN B 98 21.59 -7.47 10.58
C GLN B 98 20.61 -7.67 9.40
N LYS B 99 21.07 -8.32 8.33
CA LYS B 99 20.30 -8.56 7.09
C LYS B 99 18.93 -7.86 6.94
N GLU B 100 18.88 -6.60 7.38
CA GLU B 100 17.67 -5.80 7.30
C GLU B 100 16.36 -6.59 7.52
N PRO B 101 15.97 -6.86 8.80
CA PRO B 101 14.70 -7.62 8.95
C PRO B 101 13.56 -6.80 9.62
N LYS B 102 13.22 -5.64 9.04
CA LYS B 102 13.90 -5.13 7.83
C LYS B 102 14.52 -3.72 7.86
N ASN B 103 15.79 -3.70 7.45
CA ASN B 103 16.67 -2.52 7.33
C ASN B 103 16.99 -1.61 8.51
N LYS B 104 18.30 -1.57 8.81
CA LYS B 104 18.84 -0.78 9.90
C LYS B 104 18.31 -1.43 11.16
N THR B 105 18.86 -2.58 11.48
CA THR B 105 18.37 -3.30 12.65
C THR B 105 19.25 -3.30 13.89
N PHE B 106 20.39 -3.96 13.81
CA PHE B 106 21.31 -3.92 14.91
C PHE B 106 20.82 -4.63 16.15
N LEU B 107 19.55 -4.44 16.48
CA LEU B 107 19.00 -5.15 17.60
C LEU B 107 17.83 -5.94 17.07
N ARG B 108 17.93 -7.26 17.11
CA ARG B 108 16.85 -8.12 16.67
C ARG B 108 16.49 -8.93 17.89
N CYS B 109 15.34 -8.66 18.50
CA CYS B 109 14.93 -9.37 19.69
C CYS B 109 13.81 -10.29 19.38
N GLU B 110 13.61 -11.23 20.29
CA GLU B 110 12.52 -12.15 20.15
C GLU B 110 12.28 -12.83 21.45
N ALA B 111 11.06 -13.37 21.60
CA ALA B 111 10.66 -14.05 22.80
C ALA B 111 10.06 -15.39 22.48
N LYS B 112 10.40 -16.38 23.30
CA LYS B 112 9.90 -17.74 23.18
C LYS B 112 8.48 -17.83 23.81
N ASN B 113 7.97 -16.67 24.25
CA ASN B 113 6.67 -16.59 24.89
C ASN B 113 6.33 -15.27 25.57
N TYR B 114 5.04 -15.16 25.85
CA TYR B 114 4.48 -13.96 26.49
C TYR B 114 4.85 -13.80 27.96
N SER B 115 5.78 -14.61 28.44
CA SER B 115 6.25 -14.50 29.84
C SER B 115 6.78 -13.09 30.19
N GLY B 116 7.34 -12.39 29.18
CA GLY B 116 7.91 -11.07 29.35
C GLY B 116 9.43 -11.11 29.35
N ARG B 117 9.96 -12.24 28.89
CA ARG B 117 11.40 -12.44 28.85
C ARG B 117 11.73 -12.57 27.39
N PHE B 118 12.56 -11.67 26.89
CA PHE B 118 13.00 -11.70 25.50
C PHE B 118 14.52 -11.54 25.55
N THR B 119 15.14 -11.82 24.41
CA THR B 119 16.55 -11.77 24.24
C THR B 119 16.75 -10.95 23.00
N CYS B 120 17.80 -10.14 22.97
CA CYS B 120 18.09 -9.35 21.79
C CYS B 120 19.49 -9.73 21.49
N TRP B 121 19.72 -9.89 20.20
CA TRP B 121 20.96 -10.37 19.68
C TRP B 121 21.39 -9.22 18.83
N TRP B 122 22.69 -8.87 18.83
CA TRP B 122 23.19 -7.85 17.90
C TRP B 122 24.44 -8.40 17.29
N LEU B 123 24.82 -7.83 16.14
CA LEU B 123 25.99 -8.30 15.43
C LEU B 123 27.11 -7.27 15.27
N THR B 124 28.33 -7.74 15.54
CA THR B 124 29.51 -6.92 15.33
C THR B 124 30.71 -7.69 14.82
N THR B 125 31.53 -6.97 14.06
CA THR B 125 32.78 -7.49 13.53
C THR B 125 33.81 -7.35 14.65
N ILE B 126 33.72 -6.22 15.34
CA ILE B 126 34.58 -5.85 16.47
C ILE B 126 34.80 -6.92 17.54
N SER B 127 36.06 -7.32 17.70
CA SER B 127 36.45 -8.36 18.68
C SER B 127 36.88 -7.79 20.02
N THR B 128 37.32 -6.55 20.01
CA THR B 128 37.89 -5.94 21.19
C THR B 128 37.61 -4.46 21.45
N ASP B 129 37.71 -4.08 22.72
CA ASP B 129 37.45 -2.70 23.14
C ASP B 129 35.96 -2.47 22.97
N LEU B 130 35.19 -3.46 23.42
CA LEU B 130 33.74 -3.47 23.31
C LEU B 130 33.08 -3.59 24.67
N THR B 131 32.22 -2.63 24.94
CA THR B 131 31.47 -2.64 26.16
C THR B 131 30.04 -2.40 25.68
N PHE B 132 29.11 -3.02 26.38
CA PHE B 132 27.71 -2.98 25.99
C PHE B 132 26.81 -2.91 27.18
N SER B 133 26.26 -1.74 27.45
CA SER B 133 25.31 -1.63 28.53
C SER B 133 23.89 -1.67 27.96
N VAL B 134 23.05 -2.50 28.57
CA VAL B 134 21.67 -2.65 28.12
C VAL B 134 20.63 -2.13 29.11
N LYS B 135 19.83 -1.21 28.60
CA LYS B 135 18.78 -0.60 29.39
C LYS B 135 17.46 -0.90 28.65
N SER B 136 16.47 -1.38 29.37
CA SER B 136 15.19 -1.66 28.76
C SER B 136 14.14 -1.15 29.74
N SER B 137 13.02 -0.68 29.20
CA SER B 137 11.89 -0.20 29.99
C SER B 137 10.72 -0.38 29.07
N ARG B 138 9.49 -0.32 29.59
CA ARG B 138 8.32 -0.36 28.68
C ARG B 138 7.62 0.97 28.74
N GLY B 139 7.76 1.76 27.68
CA GLY B 139 7.17 3.08 27.62
C GLY B 139 8.12 4.18 28.08
N SER B 140 8.09 5.31 27.37
CA SER B 140 8.94 6.48 27.71
C SER B 140 8.20 7.41 28.67
N SER B 141 7.15 8.07 28.19
CA SER B 141 6.32 8.91 29.05
C SER B 141 5.90 7.97 30.18
N ASP B 142 6.68 7.98 31.25
CA ASP B 142 6.44 7.13 32.41
C ASP B 142 7.02 5.73 32.21
N PRO B 143 8.35 5.59 32.25
CA PRO B 143 9.02 4.30 32.06
C PRO B 143 8.38 3.22 32.92
N GLN B 144 8.75 1.98 32.63
CA GLN B 144 8.19 0.80 33.29
C GLN B 144 9.26 -0.32 33.25
N GLY B 145 9.64 -0.77 34.44
CA GLY B 145 10.70 -1.73 34.64
C GLY B 145 10.93 -2.95 33.77
N VAL B 146 12.14 -3.03 33.22
CA VAL B 146 12.63 -4.20 32.51
C VAL B 146 14.03 -4.54 33.03
N THR B 147 14.17 -5.65 33.72
CA THR B 147 15.50 -6.01 34.15
C THR B 147 16.33 -6.66 33.01
N CYS B 148 17.43 -6.00 32.63
CA CYS B 148 18.34 -6.53 31.62
C CYS B 148 19.57 -7.22 32.24
N GLY B 149 19.92 -8.39 31.70
CA GLY B 149 20.97 -9.21 32.22
C GLY B 149 22.38 -9.09 31.73
N ALA B 150 22.78 -7.92 31.24
CA ALA B 150 24.17 -7.82 30.80
C ALA B 150 24.49 -8.58 29.51
N ALA B 151 25.06 -7.82 28.57
CA ALA B 151 25.44 -8.34 27.26
C ALA B 151 26.62 -9.30 27.28
N THR B 152 26.30 -10.58 27.09
CA THR B 152 27.27 -11.68 26.95
C THR B 152 27.59 -11.59 25.48
N LEU B 153 28.39 -12.52 24.99
CA LEU B 153 28.64 -12.66 23.57
C LEU B 153 28.16 -14.10 23.51
N SER B 154 26.96 -14.26 22.94
CA SER B 154 26.23 -15.52 22.93
C SER B 154 26.92 -16.62 22.10
N ALA B 155 27.55 -16.20 21.02
CA ALA B 155 28.27 -17.10 20.17
C ALA B 155 29.00 -16.25 19.16
N GLU B 156 30.01 -16.88 18.55
CA GLU B 156 30.79 -16.21 17.52
C GLU B 156 30.93 -17.19 16.38
N ARG B 157 30.62 -16.73 15.18
CA ARG B 157 30.72 -17.59 14.02
C ARG B 157 31.43 -16.85 12.90
N VAL B 158 31.70 -17.56 11.81
CA VAL B 158 32.40 -16.97 10.68
C VAL B 158 31.47 -16.52 9.57
N ARG B 159 31.80 -15.37 8.99
CA ARG B 159 31.04 -14.80 7.89
C ARG B 159 31.90 -14.91 6.63
N GLY B 160 32.75 -15.93 6.61
CA GLY B 160 33.66 -16.18 5.50
C GLY B 160 34.85 -15.25 5.58
N ASP B 161 34.64 -14.01 5.17
CA ASP B 161 35.69 -12.99 5.22
C ASP B 161 36.28 -12.98 6.64
N ASN B 162 35.62 -12.28 7.56
CA ASN B 162 36.09 -12.20 8.94
C ASN B 162 35.01 -12.59 9.95
N LYS B 163 35.41 -12.80 11.20
CA LYS B 163 34.46 -13.22 12.24
C LYS B 163 33.34 -12.21 12.57
N GLU B 164 32.17 -12.75 12.89
CA GLU B 164 31.00 -11.98 13.27
C GLU B 164 30.70 -12.30 14.74
N TYR B 165 30.61 -11.25 15.56
CA TYR B 165 30.42 -11.43 16.98
C TYR B 165 29.00 -11.19 17.40
N GLU B 166 28.41 -12.24 17.97
CA GLU B 166 27.02 -12.23 18.37
C GLU B 166 26.80 -12.09 19.87
N TYR B 167 26.28 -10.91 20.23
CA TYR B 167 26.01 -10.59 21.61
C TYR B 167 24.56 -10.89 21.97
N SER B 168 24.19 -10.69 23.21
CA SER B 168 22.84 -10.99 23.59
C SER B 168 22.65 -10.66 25.06
N VAL B 169 21.40 -10.40 25.44
CA VAL B 169 21.09 -10.09 26.82
C VAL B 169 19.77 -10.76 27.02
N GLU B 170 19.41 -11.04 28.25
CA GLU B 170 18.09 -11.54 28.51
C GLU B 170 17.44 -10.38 29.23
N CYS B 171 16.14 -10.27 29.12
CA CYS B 171 15.47 -9.23 29.85
C CYS B 171 14.18 -9.83 30.24
N GLN B 172 13.74 -9.43 31.42
CA GLN B 172 12.51 -9.86 32.01
C GLN B 172 11.83 -8.51 32.26
N GLU B 173 10.57 -8.37 31.89
CA GLU B 173 9.84 -7.15 32.23
C GLU B 173 9.51 -7.48 33.68
N ASP B 174 9.93 -6.61 34.59
CA ASP B 174 9.81 -6.87 36.03
C ASP B 174 8.43 -7.36 36.43
N SER B 175 7.42 -6.64 35.98
CA SER B 175 6.06 -6.99 36.32
C SER B 175 5.25 -7.07 35.05
N ALA B 176 5.25 -8.27 34.48
CA ALA B 176 4.63 -8.53 33.19
C ALA B 176 3.30 -9.26 33.16
N CYS B 177 2.55 -8.97 32.11
CA CYS B 177 1.28 -9.60 31.87
C CYS B 177 1.15 -10.19 30.47
N PRO B 178 1.39 -11.49 30.40
CA PRO B 178 1.42 -12.38 29.26
C PRO B 178 0.08 -12.40 28.58
N ALA B 179 -0.98 -12.44 29.37
CA ALA B 179 -2.30 -12.46 28.77
C ALA B 179 -2.68 -11.14 28.08
N ALA B 180 -2.30 -10.04 28.74
CA ALA B 180 -2.61 -8.71 28.28
C ALA B 180 -2.26 -8.33 26.86
N GLU B 181 -2.99 -7.33 26.37
CA GLU B 181 -2.76 -6.78 25.05
C GLU B 181 -1.94 -5.54 25.31
N GLU B 182 -0.63 -5.62 25.05
CA GLU B 182 0.25 -4.48 25.20
C GLU B 182 -0.19 -3.27 24.36
N SER B 183 0.00 -2.09 24.91
CA SER B 183 -0.36 -0.84 24.22
C SER B 183 0.88 -0.01 24.19
N LEU B 184 1.80 -0.42 25.07
CA LEU B 184 3.10 0.26 25.20
C LEU B 184 4.24 -0.66 24.87
N PRO B 185 5.15 -0.20 24.04
CA PRO B 185 6.29 -1.01 23.63
C PRO B 185 7.44 -0.98 24.56
N ILE B 186 8.22 -2.03 24.48
CA ILE B 186 9.43 -2.08 25.23
C ILE B 186 10.36 -1.34 24.35
N GLU B 187 11.31 -0.69 24.98
CA GLU B 187 12.43 -0.15 24.26
C GLU B 187 13.60 -0.79 24.94
N VAL B 188 14.57 -1.14 24.13
CA VAL B 188 15.82 -1.64 24.61
C VAL B 188 16.76 -0.59 24.05
N MET B 189 17.56 0.00 24.92
CA MET B 189 18.53 1.00 24.50
C MET B 189 19.83 0.30 24.77
N VAL B 190 20.70 0.30 23.77
CA VAL B 190 21.98 -0.38 23.97
C VAL B 190 23.13 0.60 23.89
N ASP B 191 23.84 0.73 25.01
CA ASP B 191 25.01 1.62 25.09
C ASP B 191 26.23 0.89 24.54
N ALA B 192 26.56 1.21 23.30
CA ALA B 192 27.65 0.53 22.59
C ALA B 192 28.99 1.22 22.71
N VAL B 193 29.84 0.78 23.64
CA VAL B 193 31.16 1.42 23.69
C VAL B 193 32.33 0.70 23.06
N HIS B 194 32.88 1.32 22.02
CA HIS B 194 34.03 0.77 21.35
C HIS B 194 35.15 1.75 21.39
N LYS B 195 36.01 1.55 22.38
CA LYS B 195 37.19 2.39 22.58
C LYS B 195 36.80 3.77 23.10
N LEU B 196 36.85 4.73 22.16
CA LEU B 196 36.59 6.12 22.46
C LEU B 196 35.24 6.49 21.94
N LYS B 197 34.84 5.76 20.90
CA LYS B 197 33.56 5.95 20.21
C LYS B 197 32.37 5.41 21.01
N TYR B 198 31.32 6.23 21.01
CA TYR B 198 30.08 5.90 21.70
C TYR B 198 28.88 5.93 20.78
N GLU B 199 28.05 4.90 20.92
CA GLU B 199 26.85 4.73 20.12
C GLU B 199 25.73 4.10 20.93
N GLN B 200 24.51 4.48 20.57
CA GLN B 200 23.34 3.94 21.22
C GLN B 200 22.53 3.35 20.08
N TYR B 201 21.97 2.17 20.34
CA TYR B 201 21.15 1.50 19.34
C TYR B 201 19.88 1.23 20.11
N THR B 202 18.74 1.34 19.44
CA THR B 202 17.44 1.17 20.10
C THR B 202 16.44 0.25 19.38
N SER B 203 15.55 -0.33 20.19
CA SER B 203 14.52 -1.19 19.65
C SER B 203 13.32 -0.92 20.48
N SER B 204 12.22 -0.80 19.75
CA SER B 204 10.92 -0.63 20.35
C SER B 204 10.06 -1.69 19.65
N PHE B 205 9.29 -2.39 20.49
CA PHE B 205 8.51 -3.48 19.98
C PHE B 205 7.55 -3.97 21.03
N PHE B 206 6.56 -4.74 20.59
CA PHE B 206 5.63 -5.42 21.48
C PHE B 206 6.11 -6.87 21.51
N ILE B 207 6.04 -7.47 22.68
CA ILE B 207 6.38 -8.87 22.79
C ILE B 207 5.58 -9.71 21.78
N ARG B 208 4.37 -9.30 21.47
CA ARG B 208 3.56 -10.11 20.61
C ARG B 208 4.24 -10.06 19.28
N ASP B 209 4.91 -8.97 19.01
CA ASP B 209 5.56 -8.91 17.71
C ASP B 209 6.93 -9.55 17.62
N ILE B 210 7.45 -10.08 18.73
CA ILE B 210 8.77 -10.68 18.70
C ILE B 210 8.73 -12.14 19.13
N ILE B 211 7.52 -12.63 19.40
CA ILE B 211 7.29 -14.03 19.72
C ILE B 211 7.66 -14.89 18.53
N LYS B 212 8.48 -15.88 18.80
CA LYS B 212 8.93 -16.85 17.84
C LYS B 212 9.01 -18.07 18.74
N PRO B 213 8.21 -19.08 18.45
CA PRO B 213 8.22 -20.21 19.38
C PRO B 213 9.40 -21.21 19.21
N ASP B 214 9.68 -22.01 20.23
CA ASP B 214 10.70 -22.99 20.02
C ASP B 214 9.99 -23.96 19.04
N PRO B 215 10.75 -24.77 18.28
CA PRO B 215 10.18 -25.76 17.36
C PRO B 215 9.41 -26.85 18.12
N PRO B 216 8.43 -27.46 17.47
CA PRO B 216 7.66 -28.50 18.15
C PRO B 216 8.50 -29.57 18.85
N LYS B 217 8.07 -29.88 20.08
CA LYS B 217 8.71 -30.88 20.89
C LYS B 217 8.34 -32.34 20.53
N ASN B 218 9.30 -33.24 20.60
CA ASN B 218 9.02 -34.66 20.44
C ASN B 218 8.36 -35.09 19.13
N LEU B 219 8.83 -34.56 18.02
CA LEU B 219 8.28 -34.92 16.73
C LEU B 219 8.46 -36.43 16.48
N GLN B 220 7.34 -37.13 16.26
CA GLN B 220 7.30 -38.59 16.08
C GLN B 220 6.68 -39.07 14.78
N LEU B 221 7.21 -40.17 14.26
CA LEU B 221 6.63 -40.81 13.10
C LEU B 221 6.09 -42.17 13.48
N LYS B 222 5.12 -42.65 12.73
CA LYS B 222 4.55 -43.96 13.01
C LYS B 222 3.87 -44.42 11.76
N PRO B 223 4.55 -45.29 11.01
CA PRO B 223 4.08 -45.84 9.73
C PRO B 223 2.83 -46.66 9.95
N LEU B 224 2.02 -46.74 8.90
CA LEU B 224 0.72 -47.37 8.97
C LEU B 224 0.62 -48.89 8.84
N LYS B 225 1.67 -49.51 8.33
CA LYS B 225 1.76 -50.96 8.15
C LYS B 225 2.60 -51.14 6.91
N ASN B 226 1.95 -51.72 5.91
CA ASN B 226 2.58 -51.93 4.63
C ASN B 226 2.18 -50.66 3.94
N SER B 227 2.50 -49.57 4.64
CA SER B 227 2.17 -48.22 4.22
C SER B 227 3.32 -47.23 4.31
N ARG B 228 3.57 -46.58 3.17
CA ARG B 228 4.58 -45.54 3.05
C ARG B 228 3.84 -44.27 3.48
N GLN B 229 3.07 -44.40 4.56
CA GLN B 229 2.25 -43.30 5.03
C GLN B 229 2.26 -43.30 6.54
N VAL B 230 2.50 -42.12 7.14
CA VAL B 230 2.73 -42.01 8.57
C VAL B 230 1.92 -41.09 9.49
N GLU B 231 1.79 -41.55 10.72
CA GLU B 231 1.14 -40.78 11.74
C GLU B 231 2.23 -39.91 12.41
N VAL B 232 2.20 -38.64 12.03
CA VAL B 232 3.06 -37.64 12.61
C VAL B 232 2.37 -37.12 13.86
N SER B 233 3.18 -36.85 14.85
CA SER B 233 2.71 -36.28 16.10
C SER B 233 3.84 -35.45 16.66
N TRP B 234 3.48 -34.43 17.44
CA TRP B 234 4.48 -33.61 18.13
C TRP B 234 3.85 -33.12 19.40
N GLU B 235 4.49 -32.16 20.04
CA GLU B 235 4.02 -31.63 21.31
C GLU B 235 4.32 -30.15 21.29
N TYR B 236 3.75 -29.42 22.22
CA TYR B 236 4.08 -28.01 22.40
C TYR B 236 5.51 -27.93 22.98
N PRO B 237 6.28 -26.91 22.54
CA PRO B 237 7.65 -26.84 23.03
C PRO B 237 7.58 -26.60 24.52
N ASP B 238 8.59 -27.04 25.23
CA ASP B 238 8.56 -26.85 26.66
C ASP B 238 8.30 -25.39 27.07
N THR B 239 8.99 -24.44 26.41
CA THR B 239 8.93 -23.02 26.70
C THR B 239 7.65 -22.29 26.34
N TRP B 240 6.79 -22.87 25.52
CA TRP B 240 5.59 -22.14 25.15
C TRP B 240 4.83 -21.70 26.37
N SER B 241 4.12 -20.57 26.25
CA SER B 241 3.35 -20.05 27.36
C SER B 241 2.31 -21.07 27.72
N THR B 242 2.05 -21.22 29.02
CA THR B 242 1.02 -22.15 29.46
C THR B 242 -0.05 -21.31 30.12
N PRO B 243 -1.33 -21.71 29.93
CA PRO B 243 -1.68 -22.97 29.26
C PRO B 243 -1.91 -22.88 27.76
N HIS B 244 -1.66 -24.00 27.11
CA HIS B 244 -1.84 -24.12 25.69
C HIS B 244 -3.31 -24.00 25.30
N SER B 245 -4.20 -24.06 26.28
CA SER B 245 -5.63 -23.93 25.99
C SER B 245 -5.87 -22.48 25.61
N TYR B 246 -5.06 -21.64 26.21
CA TYR B 246 -5.14 -20.23 26.02
C TYR B 246 -4.09 -19.91 24.96
N PHE B 247 -2.84 -20.12 25.33
CA PHE B 247 -1.72 -19.84 24.45
C PHE B 247 -1.59 -20.97 23.43
N SER B 248 -2.40 -20.86 22.41
CA SER B 248 -2.43 -21.90 21.44
C SER B 248 -1.50 -21.52 20.32
N LEU B 249 -1.06 -22.58 19.65
CA LEU B 249 -0.12 -22.60 18.55
C LEU B 249 -0.79 -23.30 17.39
N THR B 250 -0.31 -23.00 16.19
CA THR B 250 -0.82 -23.62 14.98
C THR B 250 0.42 -24.20 14.30
N PHE B 251 0.25 -25.33 13.61
CA PHE B 251 1.37 -26.03 13.01
C PHE B 251 1.42 -26.14 11.52
N CYS B 252 2.63 -26.36 11.02
CA CYS B 252 2.87 -26.55 9.60
C CYS B 252 3.67 -27.84 9.38
N VAL B 253 3.03 -28.85 8.82
CA VAL B 253 3.70 -30.10 8.56
C VAL B 253 4.17 -30.19 7.13
N GLN B 254 5.46 -29.97 6.88
CA GLN B 254 5.94 -30.09 5.50
C GLN B 254 6.72 -31.36 5.35
N VAL B 255 6.43 -32.12 4.29
CA VAL B 255 7.14 -33.37 4.07
C VAL B 255 8.34 -33.08 3.23
N GLN B 256 8.20 -33.06 1.91
CA GLN B 256 9.36 -32.76 1.07
C GLN B 256 10.51 -33.82 1.11
N ASP B 265 5.76 -28.69 -0.17
CA ASP B 265 4.35 -29.04 0.04
C ASP B 265 4.05 -29.21 1.52
N ARG B 266 3.42 -28.20 2.09
CA ARG B 266 3.17 -28.19 3.54
C ARG B 266 1.69 -28.32 3.84
N VAL B 267 1.37 -28.65 5.08
CA VAL B 267 -0.02 -28.67 5.46
C VAL B 267 -0.09 -28.04 6.78
N PHE B 268 -1.24 -27.45 7.07
CA PHE B 268 -1.43 -26.69 8.28
C PHE B 268 -2.51 -27.33 9.13
N THR B 269 -2.28 -27.41 10.44
CA THR B 269 -3.21 -28.06 11.36
C THR B 269 -3.01 -27.55 12.77
N ASP B 270 -4.11 -27.16 13.39
CA ASP B 270 -4.05 -26.67 14.74
C ASP B 270 -4.10 -27.89 15.64
N LYS B 271 -3.58 -29.01 15.15
CA LYS B 271 -3.56 -30.26 15.92
C LYS B 271 -2.11 -30.61 16.14
N THR B 272 -1.81 -31.43 17.14
CA THR B 272 -0.43 -31.87 17.34
C THR B 272 -0.20 -33.25 16.70
N SER B 273 -0.59 -33.36 15.45
CA SER B 273 -0.49 -34.61 14.72
C SER B 273 -1.09 -34.37 13.34
N ALA B 274 -0.71 -35.23 12.41
CA ALA B 274 -1.17 -35.17 11.04
C ALA B 274 -0.74 -36.49 10.49
N THR B 275 -1.29 -36.86 9.33
CA THR B 275 -0.90 -38.10 8.66
C THR B 275 -0.38 -37.73 7.28
N VAL B 276 0.88 -38.08 7.05
CA VAL B 276 1.57 -37.77 5.81
C VAL B 276 1.93 -39.04 5.07
N ILE B 277 2.56 -38.82 3.94
CA ILE B 277 3.05 -39.85 3.09
C ILE B 277 4.57 -39.73 3.09
N CYS B 278 5.27 -40.68 3.70
CA CYS B 278 6.73 -40.68 3.63
C CYS B 278 7.09 -41.00 2.20
N ARG B 279 7.95 -40.20 1.58
CA ARG B 279 8.44 -40.57 0.28
C ARG B 279 9.84 -41.08 0.61
N LYS B 280 9.88 -41.89 1.68
CA LYS B 280 11.08 -42.55 2.19
C LYS B 280 12.41 -42.13 1.55
N ASN B 281 13.05 -41.18 2.24
CA ASN B 281 14.31 -40.53 1.88
C ASN B 281 14.18 -39.11 2.46
N ALA B 282 13.08 -38.44 2.12
CA ALA B 282 12.78 -37.12 2.69
C ALA B 282 12.44 -37.29 4.15
N SER B 283 11.95 -36.22 4.76
CA SER B 283 11.53 -36.30 6.15
C SER B 283 10.51 -35.23 6.54
N ILE B 284 9.82 -35.46 7.64
CA ILE B 284 8.83 -34.51 8.02
C ILE B 284 9.38 -33.54 9.00
N SER B 285 9.11 -32.28 8.70
CA SER B 285 9.51 -31.21 9.55
C SER B 285 8.18 -30.55 9.93
N VAL B 286 8.10 -30.04 11.15
CA VAL B 286 6.91 -29.36 11.64
C VAL B 286 7.34 -28.06 12.33
N ARG B 287 6.58 -26.97 12.17
CA ARG B 287 6.89 -25.74 12.89
C ARG B 287 5.63 -25.06 13.37
N ALA B 288 5.73 -24.28 14.43
CA ALA B 288 4.57 -23.66 15.03
C ALA B 288 4.55 -22.15 14.96
N GLN B 289 3.37 -21.57 15.04
CA GLN B 289 3.19 -20.14 15.09
C GLN B 289 2.07 -19.90 16.10
N ASP B 290 1.91 -18.64 16.53
CA ASP B 290 0.85 -18.26 17.46
C ASP B 290 -0.41 -18.63 16.70
N ARG B 291 -1.38 -19.21 17.38
CA ARG B 291 -2.50 -19.60 16.56
C ARG B 291 -3.26 -18.37 16.11
N TYR B 292 -3.20 -17.31 16.92
CA TYR B 292 -4.04 -16.12 16.73
C TYR B 292 -3.43 -14.78 16.28
N TYR B 293 -2.15 -14.77 15.99
CA TYR B 293 -1.50 -13.53 15.67
C TYR B 293 -0.32 -13.94 14.86
N SER B 294 -0.12 -13.27 13.74
CA SER B 294 1.00 -13.54 12.87
C SER B 294 2.33 -13.13 13.41
N SER B 295 2.74 -13.77 14.49
CA SER B 295 4.07 -13.63 15.06
C SER B 295 5.03 -14.32 14.08
N SER B 296 6.08 -14.91 14.59
CA SER B 296 7.03 -15.62 13.75
C SER B 296 6.88 -17.12 13.92
N TRP B 297 7.07 -17.83 12.82
CA TRP B 297 7.01 -19.28 12.84
C TRP B 297 8.31 -19.78 13.50
N SER B 298 8.22 -20.80 14.35
CA SER B 298 9.42 -21.31 15.02
C SER B 298 10.31 -21.93 13.98
N GLU B 299 11.37 -22.55 14.48
CA GLU B 299 12.22 -23.27 13.59
C GLU B 299 11.59 -24.61 13.39
N TRP B 300 12.02 -25.31 12.35
CA TRP B 300 11.48 -26.62 12.11
C TRP B 300 11.93 -27.72 13.10
N ALA B 301 11.02 -28.62 13.35
CA ALA B 301 11.34 -29.74 14.15
C ALA B 301 11.32 -30.78 13.04
N SER B 302 12.42 -31.51 12.91
CA SER B 302 12.48 -32.46 11.82
C SER B 302 12.77 -33.89 12.27
N VAL B 303 12.12 -34.83 11.61
CA VAL B 303 12.36 -36.23 11.86
C VAL B 303 12.34 -36.96 10.52
N PRO B 304 13.44 -37.63 10.20
CA PRO B 304 13.83 -38.44 9.04
C PRO B 304 12.76 -39.45 8.68
N CYS B 305 12.40 -39.51 7.40
CA CYS B 305 11.45 -40.53 7.01
C CYS B 305 11.95 -41.98 7.19
N SER B 306 11.02 -42.81 7.64
CA SER B 306 11.24 -44.24 7.89
C SER B 306 11.31 -45.09 6.60
N ARG C 1 23.74 10.88 -32.62
CA ARG C 1 24.45 9.76 -33.19
C ARG C 1 23.54 8.65 -33.64
N ALA C 2 24.05 7.78 -34.50
CA ALA C 2 23.27 6.67 -35.06
C ALA C 2 22.58 5.93 -33.94
N VAL C 3 21.47 5.33 -34.32
CA VAL C 3 20.68 4.51 -33.43
C VAL C 3 21.62 3.42 -32.94
N PRO C 4 21.80 3.32 -31.61
CA PRO C 4 22.73 2.24 -31.21
C PRO C 4 22.16 0.89 -31.65
N GLY C 5 22.91 -0.17 -31.41
CA GLY C 5 22.43 -1.47 -31.80
C GLY C 5 23.35 -2.59 -31.42
N GLY C 6 22.88 -3.82 -31.62
CA GLY C 6 23.64 -5.04 -31.37
C GLY C 6 23.01 -6.01 -30.39
N SER C 7 23.66 -6.14 -29.23
CA SER C 7 23.28 -7.06 -28.16
C SER C 7 21.82 -7.58 -28.07
N SER C 8 21.68 -8.90 -28.23
CA SER C 8 20.43 -9.66 -28.23
C SER C 8 19.12 -9.00 -27.77
N PRO C 9 18.63 -9.33 -26.56
CA PRO C 9 18.99 -10.20 -25.42
C PRO C 9 18.15 -11.49 -25.37
N ALA C 10 18.29 -12.24 -24.28
CA ALA C 10 17.58 -13.50 -24.14
C ALA C 10 16.08 -13.34 -24.18
N TRP C 11 15.59 -12.88 -25.35
CA TRP C 11 14.17 -12.64 -25.62
C TRP C 11 13.19 -13.43 -24.75
N THR C 12 13.55 -14.66 -24.42
CA THR C 12 12.65 -15.47 -23.62
C THR C 12 12.73 -15.30 -22.10
N GLN C 13 13.90 -15.47 -21.49
CA GLN C 13 13.97 -15.22 -20.03
C GLN C 13 13.59 -13.76 -19.84
N CYS C 14 13.61 -13.05 -20.96
CA CYS C 14 13.25 -11.65 -21.00
C CYS C 14 11.74 -11.58 -21.07
N GLN C 15 11.16 -12.29 -22.03
CA GLN C 15 9.73 -12.27 -22.17
C GLN C 15 9.13 -13.05 -21.01
N GLN C 16 9.94 -13.92 -20.44
CA GLN C 16 9.52 -14.71 -19.32
C GLN C 16 9.50 -13.78 -18.15
N LEU C 17 10.68 -13.49 -17.63
CA LEU C 17 10.85 -12.60 -16.50
C LEU C 17 9.97 -11.34 -16.56
N SER C 18 9.84 -10.78 -17.75
CA SER C 18 9.07 -9.55 -17.96
C SER C 18 7.59 -9.67 -17.67
N GLN C 19 7.05 -10.85 -17.94
CA GLN C 19 5.64 -11.05 -17.74
C GLN C 19 5.37 -11.49 -16.31
N LYS C 20 6.37 -12.12 -15.70
CA LYS C 20 6.23 -12.51 -14.31
C LYS C 20 6.27 -11.16 -13.63
N LEU C 21 7.03 -10.27 -14.25
CA LEU C 21 7.22 -8.91 -13.78
C LEU C 21 5.93 -8.13 -13.66
N CYS C 22 5.09 -8.23 -14.69
CA CYS C 22 3.81 -7.53 -14.71
C CYS C 22 2.86 -8.03 -13.63
N THR C 23 2.82 -9.34 -13.46
CA THR C 23 1.95 -9.91 -12.48
C THR C 23 2.42 -9.32 -11.17
N LEU C 24 3.74 -9.20 -11.01
CA LEU C 24 4.27 -8.62 -9.79
C LEU C 24 3.76 -7.21 -9.56
N ALA C 25 3.97 -6.37 -10.55
CA ALA C 25 3.54 -4.98 -10.49
C ALA C 25 2.14 -4.89 -9.91
N TRP C 26 1.25 -5.76 -10.38
CA TRP C 26 -0.15 -5.77 -9.97
C TRP C 26 -0.37 -6.26 -8.58
N SER C 27 0.24 -7.40 -8.26
CA SER C 27 0.17 -7.98 -6.93
C SER C 27 0.54 -6.93 -5.88
N ALA C 28 1.66 -6.24 -6.14
CA ALA C 28 2.15 -5.17 -5.29
C ALA C 28 1.32 -3.88 -5.35
N HIS C 29 0.23 -3.90 -6.10
CA HIS C 29 -0.66 -2.74 -6.15
C HIS C 29 -1.85 -2.96 -7.10
N PRO C 30 -2.74 -3.89 -6.72
CA PRO C 30 -3.95 -4.38 -7.35
C PRO C 30 -4.85 -3.31 -7.93
N LEU C 31 -5.85 -3.76 -8.69
CA LEU C 31 -6.81 -2.85 -9.30
C LEU C 31 -7.60 -2.16 -8.19
N VAL C 32 -7.60 -2.79 -7.02
CA VAL C 32 -8.22 -2.22 -5.82
C VAL C 32 -7.31 -1.04 -5.34
N GLY C 33 -6.87 -0.21 -6.29
CA GLY C 33 -6.02 0.93 -6.04
C GLY C 33 -6.81 2.21 -5.82
N HIS C 34 -6.27 3.33 -6.30
CA HIS C 34 -6.90 4.62 -6.07
C HIS C 34 -7.37 5.36 -7.30
N MET C 35 -8.66 5.27 -7.57
CA MET C 35 -9.28 5.96 -8.71
C MET C 35 -9.13 7.50 -8.65
N ASP C 36 -7.89 7.92 -8.37
CA ASP C 36 -7.47 9.33 -8.23
C ASP C 36 -8.58 10.32 -7.80
N LEU C 37 -8.92 11.39 -8.55
CA LEU C 37 -8.34 11.82 -9.84
C LEU C 37 -7.67 13.20 -9.70
N ARG C 38 -6.39 13.31 -10.11
CA ARG C 38 -5.64 14.56 -10.02
C ARG C 38 -5.49 15.24 -11.39
N GLU C 44 -0.88 18.97 -13.90
CA GLU C 44 0.43 18.67 -13.32
C GLU C 44 1.43 18.22 -14.40
N THR C 45 2.62 18.81 -14.38
CA THR C 45 3.69 18.48 -15.34
C THR C 45 4.46 17.21 -14.91
N THR C 46 4.28 16.86 -13.63
CA THR C 46 4.95 15.71 -13.00
C THR C 46 6.49 15.79 -13.03
N ASN C 47 7.13 15.31 -11.95
CA ASN C 47 8.60 15.23 -11.85
C ASN C 47 8.94 13.92 -12.56
N ASP C 48 8.24 13.75 -13.69
CA ASP C 48 8.18 12.54 -14.49
C ASP C 48 9.27 11.46 -14.40
N VAL C 49 8.80 10.29 -14.77
CA VAL C 49 9.53 9.06 -14.77
C VAL C 49 9.79 8.82 -16.24
N PRO C 50 10.62 7.84 -16.57
CA PRO C 50 10.82 7.52 -17.98
C PRO C 50 9.56 6.87 -18.52
N HIS C 51 9.28 7.05 -19.80
CA HIS C 51 8.09 6.43 -20.38
C HIS C 51 8.48 5.77 -21.66
N ILE C 52 7.99 4.56 -21.89
CA ILE C 52 8.33 3.91 -23.15
C ILE C 52 7.49 4.64 -24.18
N GLN C 53 7.96 5.83 -24.53
CA GLN C 53 7.19 6.69 -25.40
C GLN C 53 7.10 6.34 -26.85
N CYS C 54 6.37 7.19 -27.55
CA CYS C 54 6.13 7.10 -28.96
C CYS C 54 7.23 6.47 -29.79
N GLY C 55 8.09 7.31 -30.36
CA GLY C 55 9.19 6.85 -31.17
C GLY C 55 10.38 6.27 -30.42
N ASP C 56 10.14 5.52 -29.36
CA ASP C 56 11.24 4.87 -28.67
C ASP C 56 11.48 3.53 -29.32
N GLY C 57 10.66 3.25 -30.34
CA GLY C 57 10.72 2.06 -31.19
C GLY C 57 10.33 0.75 -30.55
N CYS C 58 9.24 0.78 -29.80
CA CYS C 58 8.76 -0.39 -29.09
C CYS C 58 7.46 -0.81 -29.70
N ASP C 59 7.23 -0.38 -30.93
CA ASP C 59 6.02 -0.73 -31.63
C ASP C 59 6.29 -2.09 -32.22
N PRO C 60 5.24 -2.81 -32.63
CA PRO C 60 5.57 -4.10 -33.22
C PRO C 60 6.47 -3.85 -34.45
N GLN C 61 6.15 -2.80 -35.21
CA GLN C 61 6.93 -2.42 -36.39
C GLN C 61 8.31 -1.87 -36.07
N GLY C 62 8.40 -0.77 -35.33
CA GLY C 62 9.69 -0.19 -35.02
C GLY C 62 10.71 -1.15 -34.44
N LEU C 63 10.28 -2.38 -34.15
CA LEU C 63 11.15 -3.38 -33.54
C LEU C 63 11.76 -4.30 -34.60
N ARG C 64 11.00 -4.54 -35.66
CA ARG C 64 11.44 -5.34 -36.80
C ARG C 64 12.89 -4.95 -37.10
N ASP C 65 13.14 -3.65 -37.13
CA ASP C 65 14.49 -3.15 -37.34
C ASP C 65 15.20 -2.82 -36.02
N ASN C 66 15.02 -1.61 -35.53
CA ASN C 66 15.67 -1.21 -34.27
C ASN C 66 14.90 -1.64 -33.00
N SER C 67 15.65 -2.20 -32.06
CA SER C 67 15.12 -2.63 -30.77
C SER C 67 16.05 -2.11 -29.67
N GLN C 68 17.26 -1.73 -30.09
CA GLN C 68 18.28 -1.23 -29.18
C GLN C 68 17.86 0.04 -28.42
N PHE C 69 17.33 1.03 -29.14
CA PHE C 69 16.90 2.25 -28.44
C PHE C 69 15.82 1.86 -27.47
N CYS C 70 14.82 1.17 -28.00
CA CYS C 70 13.71 0.67 -27.20
C CYS C 70 14.16 -0.01 -25.92
N LEU C 71 15.03 -0.99 -26.06
CA LEU C 71 15.52 -1.69 -24.88
C LEU C 71 16.25 -0.79 -23.90
N GLN C 72 17.04 0.14 -24.41
CA GLN C 72 17.80 1.07 -23.58
C GLN C 72 16.83 1.86 -22.73
N ARG C 73 15.71 2.22 -23.37
CA ARG C 73 14.64 2.97 -22.74
C ARG C 73 14.16 2.11 -21.60
N ILE C 74 13.52 0.99 -21.98
CA ILE C 74 13.04 -0.03 -21.07
C ILE C 74 13.97 -0.15 -19.87
N HIS C 75 15.22 -0.54 -20.13
CA HIS C 75 16.18 -0.69 -19.06
C HIS C 75 16.26 0.58 -18.22
N GLN C 76 16.21 1.74 -18.89
CA GLN C 76 16.30 3.00 -18.17
C GLN C 76 15.16 3.19 -17.17
N GLY C 77 13.98 2.70 -17.52
CA GLY C 77 12.80 2.84 -16.71
C GLY C 77 13.01 2.06 -15.43
N LEU C 78 13.35 0.78 -15.64
CA LEU C 78 13.61 -0.20 -14.59
C LEU C 78 14.58 0.41 -13.64
N ILE C 79 15.61 1.03 -14.20
CA ILE C 79 16.58 1.70 -13.36
C ILE C 79 15.91 2.76 -12.51
N PHE C 80 15.03 3.51 -13.14
CA PHE C 80 14.31 4.55 -12.45
C PHE C 80 13.41 3.99 -11.37
N TYR C 81 12.52 3.12 -11.80
CA TYR C 81 11.57 2.57 -10.85
C TYR C 81 12.34 1.77 -9.84
N GLU C 82 13.16 0.84 -10.33
CA GLU C 82 13.96 0.02 -9.43
C GLU C 82 14.68 0.83 -8.36
N LYS C 83 15.11 2.04 -8.74
CA LYS C 83 15.76 2.93 -7.79
C LYS C 83 14.70 3.40 -6.82
N LEU C 84 13.62 3.92 -7.36
CA LEU C 84 12.49 4.37 -6.55
C LEU C 84 12.08 3.43 -5.42
N LEU C 85 12.01 2.13 -5.68
CA LEU C 85 11.57 1.20 -4.65
C LEU C 85 12.60 1.22 -3.51
N GLY C 86 13.82 1.62 -3.84
CA GLY C 86 14.88 1.77 -2.87
C GLY C 86 14.49 2.95 -1.99
N SER C 87 14.41 4.14 -2.59
CA SER C 87 14.07 5.38 -1.89
C SER C 87 13.32 5.21 -0.58
N ASP C 88 13.57 6.11 0.37
CA ASP C 88 12.88 6.06 1.65
C ASP C 88 11.38 6.03 1.41
N ILE C 89 10.97 6.41 0.20
CA ILE C 89 9.57 6.44 -0.17
C ILE C 89 8.91 5.16 0.22
N PHE C 90 9.56 4.05 -0.07
CA PHE C 90 9.03 2.76 0.29
C PHE C 90 9.71 2.28 1.60
N THR C 91 10.86 2.87 1.90
CA THR C 91 11.61 2.56 3.09
C THR C 91 10.96 3.27 4.30
N GLY C 92 10.62 4.54 4.12
CA GLY C 92 9.96 5.37 5.11
C GLY C 92 8.72 4.74 5.70
N GLU C 93 8.07 5.45 6.61
CA GLU C 93 6.87 4.94 7.29
C GLU C 93 5.70 5.06 6.36
N PRO C 94 4.85 4.03 6.27
CA PRO C 94 4.99 2.71 6.91
C PRO C 94 5.90 1.84 6.06
N SER C 95 7.12 1.64 6.54
CA SER C 95 8.12 0.88 5.79
C SER C 95 7.64 -0.42 5.12
N LEU C 96 8.01 -0.58 3.86
CA LEU C 96 7.65 -1.79 3.13
C LEU C 96 8.78 -2.76 3.36
N LEU C 97 8.39 -3.99 3.67
CA LEU C 97 9.40 -4.99 3.95
C LEU C 97 9.94 -5.55 2.67
N PRO C 98 11.21 -5.98 2.68
CA PRO C 98 11.93 -6.55 1.53
C PRO C 98 11.16 -7.71 0.82
N ASP C 99 10.77 -8.73 1.57
CA ASP C 99 10.03 -9.87 1.01
C ASP C 99 8.60 -9.48 0.60
N SER C 100 8.12 -8.34 1.07
CA SER C 100 6.77 -7.89 0.74
C SER C 100 6.66 -7.70 -0.77
N PRO C 101 5.47 -7.92 -1.34
CA PRO C 101 5.19 -7.82 -2.77
C PRO C 101 5.98 -6.70 -3.45
N VAL C 102 6.22 -5.62 -2.72
CA VAL C 102 7.02 -4.55 -3.30
C VAL C 102 8.47 -5.02 -3.49
N GLY C 103 9.23 -5.11 -2.40
CA GLY C 103 10.59 -5.58 -2.46
C GLY C 103 10.85 -6.76 -3.39
N GLN C 104 9.79 -7.35 -3.94
CA GLN C 104 9.98 -8.43 -4.90
C GLN C 104 9.92 -7.82 -6.30
N LEU C 105 9.20 -6.70 -6.40
CA LEU C 105 9.16 -5.94 -7.65
C LEU C 105 10.61 -5.60 -7.75
N HIS C 106 11.07 -4.89 -6.72
CA HIS C 106 12.44 -4.45 -6.63
C HIS C 106 13.39 -5.54 -7.10
N ALA C 107 12.97 -6.79 -6.91
CA ALA C 107 13.71 -7.94 -7.37
C ALA C 107 13.59 -7.97 -8.89
N SER C 108 12.40 -8.36 -9.37
CA SER C 108 12.12 -8.49 -10.80
C SER C 108 12.78 -7.41 -11.59
N LEU C 109 12.57 -6.16 -11.18
CA LEU C 109 13.17 -5.02 -11.87
C LEU C 109 14.67 -5.22 -11.99
N LEU C 110 15.35 -5.12 -10.86
CA LEU C 110 16.79 -5.31 -10.80
C LEU C 110 17.13 -6.60 -11.49
N GLY C 111 16.22 -7.55 -11.47
CA GLY C 111 16.47 -8.79 -12.18
C GLY C 111 16.48 -8.46 -13.66
N LEU C 112 15.30 -8.09 -14.15
CA LEU C 112 15.11 -7.78 -15.54
C LEU C 112 16.14 -6.78 -16.05
N SER C 113 16.37 -5.73 -15.26
CA SER C 113 17.36 -4.74 -15.65
C SER C 113 18.69 -5.45 -15.91
N GLN C 114 19.06 -6.36 -15.01
CA GLN C 114 20.29 -7.14 -15.12
C GLN C 114 20.36 -8.01 -16.38
N LEU C 115 19.22 -8.26 -16.99
CA LEU C 115 19.22 -9.10 -18.18
C LEU C 115 19.33 -8.33 -19.48
N LEU C 116 19.52 -7.02 -19.39
CA LEU C 116 19.61 -6.18 -20.59
C LEU C 116 21.03 -5.66 -20.59
N GLN C 117 21.35 -5.06 -19.46
CA GLN C 117 22.68 -4.58 -19.22
C GLN C 117 23.10 -5.34 -17.96
N PRO C 118 24.17 -6.16 -18.07
CA PRO C 118 24.56 -6.91 -16.88
C PRO C 118 25.50 -6.10 -15.95
N GLU C 119 25.68 -4.84 -16.30
CA GLU C 119 26.46 -3.89 -15.51
C GLU C 119 25.94 -2.47 -15.79
N GLY C 120 25.78 -2.14 -17.08
CA GLY C 120 25.26 -0.85 -17.56
C GLY C 120 26.10 0.33 -17.13
N HIS C 121 25.42 1.41 -16.73
CA HIS C 121 26.09 2.61 -16.20
C HIS C 121 25.14 3.74 -15.78
N HIS C 122 24.89 3.83 -14.47
CA HIS C 122 24.03 4.86 -13.89
C HIS C 122 24.81 5.76 -12.91
N PRO C 129 16.93 10.75 -8.30
CA PRO C 129 15.72 10.72 -7.47
C PRO C 129 15.51 12.04 -6.74
N SER C 130 14.27 12.37 -6.43
CA SER C 130 13.95 13.64 -5.76
C SER C 130 14.18 13.65 -4.25
N LEU C 131 14.08 12.48 -3.62
CA LEU C 131 14.22 12.34 -2.17
C LEU C 131 12.93 12.77 -1.46
N SER C 132 13.02 13.04 -0.16
CA SER C 132 11.86 13.48 0.63
C SER C 132 10.64 12.55 0.41
N PRO C 133 9.51 12.86 1.07
CA PRO C 133 9.25 14.03 1.92
C PRO C 133 9.50 13.82 3.40
N SER C 134 8.64 13.00 3.98
CA SER C 134 8.57 12.68 5.40
C SER C 134 7.07 12.54 5.46
N GLN C 135 6.46 12.64 6.63
CA GLN C 135 5.02 12.45 6.73
C GLN C 135 4.66 11.18 5.90
N PRO C 136 4.48 10.03 6.59
CA PRO C 136 4.19 8.73 5.95
C PRO C 136 2.99 8.90 5.06
N TRP C 137 2.20 9.85 5.49
CA TRP C 137 1.05 10.36 4.80
C TRP C 137 1.38 10.48 3.29
N GLN C 138 2.47 11.15 2.96
CA GLN C 138 2.86 11.40 1.56
C GLN C 138 3.59 10.30 0.86
N ARG C 139 4.09 9.34 1.62
CA ARG C 139 4.82 8.26 1.00
C ARG C 139 3.83 7.35 0.29
N LEU C 140 2.72 7.03 0.94
CA LEU C 140 1.73 6.17 0.29
C LEU C 140 1.37 6.77 -1.04
N LEU C 141 1.00 8.05 -1.05
CA LEU C 141 0.58 8.68 -2.29
C LEU C 141 1.56 8.48 -3.44
N LEU C 142 2.85 8.57 -3.15
CA LEU C 142 3.89 8.40 -4.14
C LEU C 142 3.97 6.94 -4.51
N ARG C 143 3.87 6.13 -3.46
CA ARG C 143 3.98 4.70 -3.59
C ARG C 143 3.01 4.28 -4.65
N PHE C 144 1.83 4.89 -4.62
CA PHE C 144 0.77 4.59 -5.61
C PHE C 144 1.03 5.20 -6.98
N LYS C 145 1.37 6.48 -7.00
CA LYS C 145 1.63 7.17 -8.25
C LYS C 145 2.64 6.36 -9.00
N ILE C 146 3.73 6.07 -8.28
CA ILE C 146 4.82 5.30 -8.83
C ILE C 146 4.34 3.95 -9.30
N LEU C 147 3.56 3.28 -8.47
CA LEU C 147 3.14 1.97 -8.89
C LEU C 147 2.27 1.91 -10.11
N ARG C 148 1.25 2.76 -10.14
CA ARG C 148 0.34 2.74 -11.26
C ARG C 148 1.19 3.06 -12.47
N SER C 149 2.01 4.10 -12.32
CA SER C 149 2.93 4.54 -13.37
C SER C 149 3.78 3.37 -13.91
N LEU C 150 4.31 2.61 -12.96
CA LEU C 150 5.16 1.48 -13.25
C LEU C 150 4.41 0.41 -14.01
N GLN C 151 3.30 -0.05 -13.45
CA GLN C 151 2.50 -1.10 -14.10
C GLN C 151 2.31 -0.80 -15.56
N ALA C 152 2.38 0.49 -15.89
CA ALA C 152 2.19 1.00 -17.24
C ALA C 152 3.44 0.75 -18.07
N PHE C 153 4.55 1.08 -17.46
CA PHE C 153 5.82 0.92 -18.10
C PHE C 153 6.03 -0.55 -18.49
N VAL C 154 6.09 -1.38 -17.46
CA VAL C 154 6.30 -2.81 -17.62
C VAL C 154 5.34 -3.49 -18.57
N ALA C 155 4.17 -2.91 -18.77
CA ALA C 155 3.20 -3.50 -19.69
C ALA C 155 3.84 -3.50 -21.06
N VAL C 156 4.11 -2.29 -21.58
CA VAL C 156 4.72 -2.14 -22.88
C VAL C 156 5.95 -3.04 -22.87
N ALA C 157 6.75 -2.85 -21.82
CA ALA C 157 7.96 -3.59 -21.63
C ALA C 157 7.68 -5.07 -21.91
N ALA C 158 6.59 -5.59 -21.37
CA ALA C 158 6.25 -6.98 -21.59
C ALA C 158 6.09 -7.24 -23.08
N ARG C 159 5.03 -6.70 -23.68
CA ARG C 159 4.74 -6.89 -25.11
C ARG C 159 5.99 -6.74 -25.90
N VAL C 160 6.80 -5.76 -25.55
CA VAL C 160 8.03 -5.56 -26.27
C VAL C 160 8.80 -6.87 -26.28
N PHE C 161 9.07 -7.42 -25.10
CA PHE C 161 9.80 -8.66 -25.01
C PHE C 161 8.99 -9.83 -25.51
N ALA C 162 7.67 -9.71 -25.47
CA ALA C 162 6.85 -10.81 -25.95
C ALA C 162 7.13 -10.97 -27.43
N HIS C 163 6.96 -9.89 -28.18
CA HIS C 163 7.21 -9.88 -29.61
C HIS C 163 8.57 -10.46 -29.95
N GLY C 164 9.62 -9.84 -29.43
CA GLY C 164 10.98 -10.30 -29.69
C GLY C 164 11.07 -11.80 -29.47
N ALA C 165 10.43 -12.29 -28.45
CA ALA C 165 10.49 -13.70 -28.19
C ALA C 165 9.88 -14.44 -29.38
N ALA C 166 8.66 -14.01 -29.73
CA ALA C 166 7.87 -14.58 -30.79
C ALA C 166 8.46 -14.40 -32.18
N THR C 167 8.94 -13.18 -32.47
CA THR C 167 9.36 -12.88 -33.83
C THR C 167 10.83 -12.71 -34.15
N LEU C 168 11.62 -12.22 -33.20
CA LEU C 168 13.01 -11.96 -33.51
C LEU C 168 13.92 -13.18 -33.32
N SER C 169 13.71 -13.89 -32.22
CA SER C 169 14.43 -15.12 -32.01
C SER C 169 13.40 -16.24 -32.20
N PRO C 170 13.87 -17.47 -32.51
CA PRO C 170 15.24 -17.98 -32.66
C PRO C 170 16.09 -17.25 -33.69
N ILE D 1 -18.92 35.05 -19.97
CA ILE D 1 -19.80 34.79 -21.12
C ILE D 1 -19.05 34.47 -22.39
N TRP D 2 -19.31 33.30 -22.93
CA TRP D 2 -18.59 32.88 -24.10
C TRP D 2 -19.52 32.12 -25.06
N GLU D 3 -18.99 31.74 -26.20
CA GLU D 3 -19.79 31.02 -27.17
C GLU D 3 -19.69 29.51 -27.13
N LEU D 4 -20.83 28.86 -27.14
CA LEU D 4 -20.87 27.40 -27.18
C LEU D 4 -20.87 27.01 -28.66
N LYS D 5 -21.90 27.45 -29.36
CA LYS D 5 -22.07 27.28 -30.80
C LYS D 5 -22.15 28.71 -31.25
N LYS D 6 -22.64 28.93 -32.48
CA LYS D 6 -22.76 30.31 -32.97
C LYS D 6 -24.11 30.85 -32.54
N ASP D 7 -24.15 32.13 -32.22
CA ASP D 7 -25.39 32.73 -31.78
C ASP D 7 -25.85 32.12 -30.43
N VAL D 8 -25.19 31.05 -30.00
CA VAL D 8 -25.50 30.39 -28.74
C VAL D 8 -24.36 30.60 -27.73
N TYR D 9 -24.66 31.31 -26.64
CA TYR D 9 -23.66 31.68 -25.65
C TYR D 9 -23.95 31.15 -24.29
N VAL D 10 -22.89 30.94 -23.51
CA VAL D 10 -23.05 30.49 -22.13
C VAL D 10 -22.76 31.67 -21.23
N VAL D 11 -23.37 31.64 -20.04
CA VAL D 11 -23.23 32.71 -19.07
C VAL D 11 -22.83 32.08 -17.77
N GLU D 12 -21.63 32.38 -17.32
CA GLU D 12 -21.15 31.75 -16.10
C GLU D 12 -21.59 32.44 -14.81
N LEU D 13 -22.41 31.73 -14.05
CA LEU D 13 -22.90 32.21 -12.77
C LEU D 13 -22.13 31.41 -11.74
N ASP D 14 -20.88 31.80 -11.54
CA ASP D 14 -19.97 31.16 -10.57
C ASP D 14 -20.46 31.35 -9.15
N TRP D 15 -21.29 32.36 -8.95
CA TRP D 15 -21.75 32.67 -7.60
C TRP D 15 -23.23 32.43 -7.33
N TYR D 16 -23.87 31.74 -8.27
CA TYR D 16 -25.27 31.36 -8.16
C TYR D 16 -25.63 30.95 -6.72
N PRO D 17 -26.61 31.63 -6.14
CA PRO D 17 -27.23 32.61 -7.04
C PRO D 17 -27.28 33.99 -6.41
N ASP D 18 -26.14 34.48 -5.92
CA ASP D 18 -26.10 35.76 -5.24
C ASP D 18 -26.10 36.87 -6.27
N ALA D 19 -26.61 38.04 -5.89
CA ALA D 19 -26.65 39.22 -6.76
C ALA D 19 -25.22 39.69 -7.08
N PRO D 20 -25.01 40.32 -8.23
CA PRO D 20 -25.87 40.79 -9.30
C PRO D 20 -25.92 39.81 -10.42
N GLY D 21 -25.33 38.64 -10.21
CA GLY D 21 -25.26 37.66 -11.27
C GLY D 21 -24.26 38.24 -12.28
N GLU D 22 -24.57 38.17 -13.58
CA GLU D 22 -23.67 38.74 -14.57
C GLU D 22 -24.39 39.76 -15.43
N MET D 23 -23.66 40.73 -15.97
CA MET D 23 -24.32 41.79 -16.76
C MET D 23 -23.97 41.64 -18.25
N VAL D 24 -24.78 40.84 -18.92
CA VAL D 24 -24.60 40.51 -20.32
C VAL D 24 -24.87 41.66 -21.27
N VAL D 25 -23.99 41.85 -22.25
CA VAL D 25 -24.24 42.84 -23.29
C VAL D 25 -24.56 42.09 -24.59
N LEU D 26 -25.80 42.22 -25.05
CA LEU D 26 -26.22 41.57 -26.28
C LEU D 26 -25.95 42.44 -27.48
N THR D 27 -25.33 41.83 -28.50
CA THR D 27 -25.01 42.54 -29.72
C THR D 27 -25.65 41.90 -30.90
N CYS D 28 -26.50 42.70 -31.54
CA CYS D 28 -27.20 42.35 -32.75
C CYS D 28 -26.19 42.40 -33.91
N ASP D 29 -26.07 41.27 -34.63
CA ASP D 29 -25.18 41.26 -35.77
C ASP D 29 -25.85 41.68 -37.10
N THR D 30 -25.53 42.88 -37.56
CA THR D 30 -26.03 43.40 -38.84
C THR D 30 -25.26 44.66 -39.13
N PRO D 31 -25.11 44.98 -40.40
CA PRO D 31 -24.33 46.23 -40.49
C PRO D 31 -25.11 47.47 -40.05
N GLU D 32 -26.44 47.35 -39.90
CA GLU D 32 -27.26 48.50 -39.55
C GLU D 32 -27.22 48.97 -38.11
N GLU D 33 -27.86 50.12 -37.83
CA GLU D 33 -27.78 50.71 -36.48
C GLU D 33 -29.00 51.52 -35.96
N ASP D 34 -30.08 51.58 -36.74
CA ASP D 34 -31.28 52.34 -36.35
C ASP D 34 -32.61 51.64 -36.60
N GLY D 35 -33.54 51.74 -35.65
CA GLY D 35 -34.83 51.09 -35.79
C GLY D 35 -34.77 49.68 -35.24
N ILE D 36 -33.63 49.38 -34.57
CA ILE D 36 -33.39 48.09 -33.95
C ILE D 36 -34.16 47.98 -32.65
N THR D 37 -34.68 46.79 -32.40
CA THR D 37 -35.51 46.52 -31.25
C THR D 37 -35.19 45.10 -30.86
N TRP D 38 -35.54 44.68 -29.65
CA TRP D 38 -35.22 43.32 -29.21
C TRP D 38 -36.32 42.68 -28.41
N THR D 39 -36.43 41.36 -28.52
CA THR D 39 -37.40 40.58 -27.74
C THR D 39 -36.71 39.41 -27.12
N LEU D 40 -37.25 38.89 -26.02
CA LEU D 40 -36.65 37.70 -25.42
C LEU D 40 -37.36 36.48 -25.97
N ASP D 41 -36.55 35.53 -26.44
CA ASP D 41 -37.06 34.26 -26.99
C ASP D 41 -38.13 34.40 -28.07
N GLN D 42 -39.36 34.16 -27.61
CA GLN D 42 -40.53 34.15 -28.48
C GLN D 42 -41.64 35.03 -27.92
N SER D 43 -41.30 35.91 -26.99
CA SER D 43 -42.30 36.80 -26.40
C SER D 43 -42.09 38.20 -26.97
N SER D 44 -43.15 38.99 -27.00
CA SER D 44 -42.98 40.37 -27.42
C SER D 44 -42.84 41.02 -26.09
N GLU D 45 -42.55 42.32 -26.15
CA GLU D 45 -42.18 43.18 -25.03
C GLU D 45 -40.81 43.56 -25.57
N VAL D 46 -40.73 44.80 -26.06
CA VAL D 46 -39.46 45.26 -26.58
C VAL D 46 -38.62 45.55 -25.36
N LEU D 47 -37.57 44.74 -25.25
CA LEU D 47 -36.68 44.81 -24.15
C LEU D 47 -35.76 46.03 -24.29
N GLY D 48 -35.59 46.56 -25.50
CA GLY D 48 -34.77 47.74 -25.73
C GLY D 48 -34.35 48.03 -27.17
N SER D 49 -33.63 49.12 -27.39
CA SER D 49 -33.20 49.49 -28.74
C SER D 49 -31.67 49.47 -29.01
N GLY D 50 -31.28 49.97 -30.18
CA GLY D 50 -29.88 50.07 -30.49
C GLY D 50 -29.23 48.76 -30.89
N LYS D 51 -28.00 48.85 -31.38
CA LYS D 51 -27.28 47.68 -31.84
C LYS D 51 -27.00 46.71 -30.70
N THR D 52 -27.08 47.21 -29.47
CA THR D 52 -26.78 46.40 -28.30
C THR D 52 -27.85 46.44 -27.26
N LEU D 53 -27.86 45.39 -26.46
CA LEU D 53 -28.80 45.29 -25.38
C LEU D 53 -28.09 44.94 -24.09
N THR D 54 -28.34 45.73 -23.05
CA THR D 54 -27.70 45.40 -21.80
C THR D 54 -28.66 44.86 -20.79
N ILE D 55 -28.40 43.59 -20.52
CA ILE D 55 -29.24 42.71 -19.77
C ILE D 55 -28.52 42.42 -18.50
N GLN D 56 -29.25 41.81 -17.58
CA GLN D 56 -28.65 41.30 -16.36
C GLN D 56 -29.22 39.90 -16.19
N VAL D 57 -28.33 38.93 -16.39
CA VAL D 57 -28.62 37.53 -16.22
C VAL D 57 -28.29 37.04 -14.81
N LYS D 58 -29.24 36.38 -14.18
CA LYS D 58 -29.06 35.83 -12.85
C LYS D 58 -29.73 34.48 -12.87
N GLU D 59 -30.75 34.35 -13.71
CA GLU D 59 -31.63 33.17 -13.74
C GLU D 59 -32.21 32.95 -15.12
N PHE D 60 -32.68 31.72 -15.35
CA PHE D 60 -33.22 31.29 -16.63
C PHE D 60 -34.15 32.29 -17.25
N GLY D 61 -34.87 33.01 -16.40
CA GLY D 61 -35.77 34.06 -16.86
C GLY D 61 -35.03 35.13 -17.64
N ASP D 62 -33.74 35.31 -17.34
CA ASP D 62 -32.89 36.33 -17.96
C ASP D 62 -32.24 35.79 -19.18
N ALA D 63 -32.25 34.47 -19.25
CA ALA D 63 -31.60 33.75 -20.34
C ALA D 63 -32.59 33.44 -21.46
N GLY D 64 -32.15 32.61 -22.41
CA GLY D 64 -33.03 32.23 -23.50
C GLY D 64 -32.51 32.62 -24.88
N GLN D 65 -33.41 33.15 -25.71
CA GLN D 65 -33.03 33.54 -27.07
C GLN D 65 -33.39 34.98 -27.37
N TYR D 66 -32.38 35.80 -27.51
CA TYR D 66 -32.69 37.18 -27.76
C TYR D 66 -32.72 37.39 -29.26
N THR D 67 -33.64 38.26 -29.70
CA THR D 67 -33.80 38.48 -31.11
C THR D 67 -33.74 39.93 -31.50
N CYS D 68 -32.92 40.21 -32.50
CA CYS D 68 -32.73 41.57 -32.98
C CYS D 68 -33.86 41.84 -33.91
N HIS D 69 -34.15 43.12 -34.14
CA HIS D 69 -35.25 43.49 -35.03
C HIS D 69 -35.01 44.86 -35.69
N LYS D 70 -35.33 44.91 -36.98
CA LYS D 70 -35.29 46.15 -37.73
C LYS D 70 -36.47 46.12 -38.70
N GLY D 71 -37.48 46.95 -38.42
CA GLY D 71 -38.69 47.06 -39.24
C GLY D 71 -39.32 45.76 -39.71
N GLY D 72 -40.16 45.16 -38.88
CA GLY D 72 -40.86 43.93 -39.22
C GLY D 72 -39.91 42.77 -39.49
N GLU D 73 -38.62 43.01 -39.19
CA GLU D 73 -37.58 42.02 -39.40
C GLU D 73 -36.86 41.45 -38.18
N VAL D 74 -36.24 40.30 -38.38
CA VAL D 74 -35.44 39.64 -37.36
C VAL D 74 -34.06 39.58 -37.94
N LEU D 75 -33.20 40.52 -37.54
CA LEU D 75 -31.84 40.54 -38.06
C LEU D 75 -31.04 39.33 -37.58
N SER D 76 -30.86 39.17 -36.27
CA SER D 76 -30.15 38.01 -35.70
C SER D 76 -30.68 37.54 -34.34
N HIS D 77 -29.94 36.63 -33.71
CA HIS D 77 -30.32 36.14 -32.40
C HIS D 77 -29.12 36.14 -31.52
N SER D 78 -29.28 35.37 -30.44
CA SER D 78 -28.30 35.19 -29.39
C SER D 78 -29.03 34.35 -28.35
N LEU D 79 -28.54 33.15 -28.15
CA LEU D 79 -29.15 32.26 -27.21
C LEU D 79 -28.29 32.31 -25.97
N LEU D 80 -28.87 32.78 -24.87
CA LEU D 80 -28.14 32.88 -23.62
C LEU D 80 -28.41 31.64 -22.77
N LEU D 81 -27.34 30.96 -22.39
CA LEU D 81 -27.45 29.73 -21.62
C LEU D 81 -26.93 29.98 -20.22
N LEU D 82 -27.43 29.24 -19.26
CA LEU D 82 -26.95 29.42 -17.92
C LEU D 82 -26.16 28.22 -17.50
N HIS D 83 -25.03 28.49 -16.87
CA HIS D 83 -24.16 27.50 -16.31
C HIS D 83 -24.13 27.89 -14.85
N LYS D 84 -24.85 27.15 -14.01
CA LYS D 84 -24.92 27.55 -12.61
C LYS D 84 -24.07 26.74 -11.65
N LYS D 85 -23.44 27.45 -10.72
CA LYS D 85 -22.59 26.88 -9.68
C LYS D 85 -23.28 26.99 -8.33
N GLU D 86 -23.77 25.88 -7.84
CA GLU D 86 -24.48 25.88 -6.57
C GLU D 86 -23.60 25.16 -5.57
N ASP D 87 -23.55 25.68 -4.34
CA ASP D 87 -22.77 25.08 -3.27
C ASP D 87 -21.35 24.71 -3.72
N GLY D 88 -20.76 25.54 -4.58
CA GLY D 88 -19.41 25.30 -5.07
C GLY D 88 -19.23 24.10 -5.98
N ILE D 89 -20.31 23.68 -6.63
CA ILE D 89 -20.25 22.59 -7.58
C ILE D 89 -21.10 22.98 -8.77
N TRP D 90 -20.51 22.92 -9.95
CA TRP D 90 -21.28 23.21 -11.14
C TRP D 90 -22.32 22.08 -11.15
N SER D 91 -23.48 22.31 -11.74
CA SER D 91 -24.55 21.32 -11.73
C SER D 91 -24.19 20.08 -12.50
N THR D 92 -24.79 18.97 -12.12
CA THR D 92 -24.56 17.70 -12.82
C THR D 92 -25.90 17.01 -12.99
N ASP D 93 -26.88 17.84 -13.32
CA ASP D 93 -28.26 17.46 -13.53
C ASP D 93 -28.41 16.58 -14.76
N ILE D 94 -28.19 17.19 -15.91
CA ILE D 94 -28.32 16.53 -17.20
C ILE D 94 -28.04 15.02 -17.30
N LEU D 95 -26.83 14.63 -16.89
CA LEU D 95 -26.34 13.26 -17.01
C LEU D 95 -26.64 12.50 -15.74
N LYS D 96 -26.67 11.16 -15.81
CA LYS D 96 -26.92 10.32 -14.63
C LYS D 96 -25.66 9.88 -13.87
N ASP D 97 -25.67 10.12 -12.57
CA ASP D 97 -24.50 9.85 -11.74
C ASP D 97 -23.88 8.51 -11.95
N GLN D 98 -24.66 7.60 -12.54
CA GLN D 98 -24.18 6.27 -12.85
C GLN D 98 -23.20 5.73 -11.80
N LYS D 99 -23.35 6.25 -10.58
CA LYS D 99 -22.49 5.95 -9.43
C LYS D 99 -21.83 4.57 -9.47
N GLU D 100 -20.92 4.40 -10.43
CA GLU D 100 -20.25 3.10 -10.61
C GLU D 100 -18.79 3.08 -10.26
N PRO D 101 -17.89 2.96 -11.26
CA PRO D 101 -16.71 3.02 -10.38
C PRO D 101 -15.92 4.29 -10.66
N LYS D 102 -15.92 5.24 -9.72
CA LYS D 102 -16.64 5.13 -8.44
C LYS D 102 -17.93 5.95 -8.55
N ASN D 103 -18.06 6.96 -7.69
CA ASN D 103 -19.21 7.86 -7.73
C ASN D 103 -18.94 9.02 -8.73
N LYS D 104 -19.91 9.93 -8.85
CA LYS D 104 -19.83 11.06 -9.76
C LYS D 104 -19.21 10.71 -11.13
N THR D 105 -19.42 9.45 -11.56
CA THR D 105 -18.94 8.99 -12.87
C THR D 105 -20.04 9.13 -13.93
N PHE D 106 -19.93 10.19 -14.73
CA PHE D 106 -20.94 10.46 -15.74
C PHE D 106 -20.52 10.00 -17.11
N LEU D 107 -19.25 9.70 -17.29
CA LEU D 107 -18.78 9.25 -18.59
C LEU D 107 -18.09 7.87 -18.60
N ARG D 108 -18.58 6.97 -19.45
CA ARG D 108 -17.98 5.66 -19.58
C ARG D 108 -17.26 5.74 -20.89
N CYS D 109 -16.10 5.10 -20.96
CA CYS D 109 -15.35 5.07 -22.20
C CYS D 109 -14.67 3.75 -22.15
N GLU D 110 -14.51 3.15 -23.31
CA GLU D 110 -13.80 1.92 -23.42
C GLU D 110 -13.08 2.00 -24.76
N ALA D 111 -12.10 1.15 -24.92
CA ALA D 111 -11.39 1.01 -26.16
C ALA D 111 -11.37 -0.51 -26.39
N LYS D 112 -11.62 -0.97 -27.61
CA LYS D 112 -11.56 -2.41 -27.85
C LYS D 112 -10.14 -2.83 -28.27
N ASN D 113 -9.24 -1.85 -28.29
CA ASN D 113 -7.88 -2.04 -28.77
C ASN D 113 -7.07 -0.77 -28.45
N TYR D 114 -5.90 -0.64 -29.04
CA TYR D 114 -5.08 0.53 -28.77
C TYR D 114 -5.00 1.59 -29.89
N SER D 115 -5.94 1.51 -30.83
CA SER D 115 -5.90 2.41 -31.99
C SER D 115 -6.00 3.90 -31.68
N GLY D 116 -6.69 4.25 -30.59
CA GLY D 116 -6.93 5.63 -30.26
C GLY D 116 -8.42 5.77 -30.52
N ARG D 117 -8.98 4.65 -30.97
CA ARG D 117 -10.40 4.61 -31.17
C ARG D 117 -11.05 4.15 -29.86
N PHE D 118 -11.82 5.08 -29.27
CA PHE D 118 -12.56 4.79 -28.06
C PHE D 118 -14.01 5.24 -28.23
N THR D 119 -14.87 4.76 -27.35
CA THR D 119 -16.24 5.17 -27.42
C THR D 119 -16.63 5.52 -25.99
N CYS D 120 -17.57 6.48 -25.84
CA CYS D 120 -18.03 6.87 -24.51
C CYS D 120 -19.50 7.10 -24.47
N TRP D 121 -20.11 6.63 -23.40
CA TRP D 121 -21.53 6.78 -23.22
C TRP D 121 -21.76 7.68 -22.02
N TRP D 122 -23.00 8.14 -21.92
CA TRP D 122 -23.46 8.84 -20.74
C TRP D 122 -24.93 8.43 -20.59
N LEU D 123 -25.43 8.51 -19.37
CA LEU D 123 -26.80 8.10 -19.14
C LEU D 123 -27.62 9.28 -18.66
N THR D 124 -28.55 9.71 -19.49
CA THR D 124 -29.42 10.81 -19.15
C THR D 124 -30.84 10.29 -18.95
N THR D 125 -31.53 10.84 -17.96
CA THR D 125 -32.92 10.43 -17.80
C THR D 125 -33.74 11.39 -18.67
N ILE D 126 -33.08 12.45 -19.14
CA ILE D 126 -33.74 13.42 -20.01
C ILE D 126 -34.13 12.75 -21.30
N SER D 127 -35.17 13.29 -21.93
CA SER D 127 -35.72 12.70 -23.13
C SER D 127 -35.64 13.60 -24.34
N THR D 128 -35.51 14.91 -24.12
CA THR D 128 -35.55 15.87 -25.21
C THR D 128 -35.09 17.28 -24.86
N ASP D 129 -34.69 18.01 -25.89
CA ASP D 129 -34.20 19.37 -25.74
C ASP D 129 -32.77 19.38 -25.21
N LEU D 130 -32.00 18.40 -25.68
CA LEU D 130 -30.59 18.27 -25.33
C LEU D 130 -29.72 18.57 -26.53
N THR D 131 -28.43 18.62 -26.26
CA THR D 131 -27.45 18.82 -27.29
C THR D 131 -26.18 18.47 -26.60
N PHE D 132 -25.52 17.46 -27.14
CA PHE D 132 -24.23 17.07 -26.62
C PHE D 132 -23.28 17.31 -27.72
N SER D 133 -22.23 18.05 -27.38
CA SER D 133 -21.18 18.35 -28.30
C SER D 133 -19.91 17.87 -27.60
N VAL D 134 -19.25 16.86 -28.16
CA VAL D 134 -18.06 16.35 -27.50
C VAL D 134 -16.80 16.92 -28.10
N LYS D 135 -15.80 17.11 -27.25
CA LYS D 135 -14.49 17.52 -27.70
C LYS D 135 -13.59 16.66 -26.85
N SER D 136 -12.46 16.24 -27.42
CA SER D 136 -11.47 15.46 -26.67
C SER D 136 -10.05 15.99 -26.98
N SER D 137 -9.04 15.45 -26.31
CA SER D 137 -7.68 15.91 -26.53
C SER D 137 -6.74 15.12 -25.69
N ARG D 138 -5.46 15.10 -26.04
CA ARG D 138 -4.53 14.48 -25.15
C ARG D 138 -3.75 15.60 -24.53
N GLY D 139 -3.70 15.63 -23.22
CA GLY D 139 -3.02 16.68 -22.49
C GLY D 139 -3.77 18.00 -22.45
N SER D 140 -3.23 18.94 -21.66
CA SER D 140 -3.82 20.27 -21.54
C SER D 140 -2.80 21.32 -22.00
N SER D 141 -1.54 21.13 -21.62
CA SER D 141 -0.51 22.04 -22.12
C SER D 141 -0.05 21.54 -23.50
N ASP D 142 -0.40 22.29 -24.54
CA ASP D 142 -0.15 21.84 -25.90
C ASP D 142 -1.02 20.58 -26.01
N PRO D 143 -2.30 20.79 -26.33
CA PRO D 143 -3.17 19.63 -26.36
C PRO D 143 -3.07 18.88 -27.67
N GLN D 144 -2.81 17.59 -27.59
CA GLN D 144 -2.77 16.77 -28.79
C GLN D 144 -4.19 16.75 -29.34
N GLY D 145 -4.37 16.25 -30.56
CA GLY D 145 -5.68 16.24 -31.19
C GLY D 145 -6.44 14.93 -31.07
N VAL D 146 -7.76 15.07 -30.91
CA VAL D 146 -8.65 13.92 -30.79
C VAL D 146 -9.90 14.33 -31.56
N THR D 147 -10.42 13.47 -32.42
CA THR D 147 -11.60 13.83 -33.20
C THR D 147 -12.84 13.03 -32.84
N CYS D 148 -13.87 13.76 -32.42
CA CYS D 148 -15.09 13.14 -31.95
C CYS D 148 -16.30 13.32 -32.86
N GLY D 149 -16.83 12.19 -33.29
CA GLY D 149 -17.98 12.15 -34.17
C GLY D 149 -19.35 12.21 -33.54
N ALA D 150 -19.78 13.42 -33.20
CA ALA D 150 -21.12 13.68 -32.68
C ALA D 150 -21.79 12.69 -31.71
N ALA D 151 -22.43 13.28 -30.71
CA ALA D 151 -23.15 12.55 -29.68
C ALA D 151 -24.38 11.90 -30.28
N THR D 152 -24.32 10.59 -30.45
CA THR D 152 -25.46 9.91 -31.00
C THR D 152 -26.18 9.22 -29.87
N LEU D 153 -27.48 9.04 -30.03
CA LEU D 153 -28.23 8.33 -29.02
C LEU D 153 -28.30 6.91 -29.48
N SER D 154 -28.05 5.98 -28.57
CA SER D 154 -28.09 4.57 -28.89
C SER D 154 -29.10 3.83 -28.00
N ALA D 155 -28.63 3.10 -27.00
CA ALA D 155 -29.52 2.35 -26.10
C ALA D 155 -30.62 3.17 -25.43
N GLU D 156 -31.79 2.56 -25.24
CA GLU D 156 -32.92 3.25 -24.63
C GLU D 156 -33.67 2.42 -23.59
N ARG D 157 -32.93 1.70 -22.76
CA ARG D 157 -33.53 0.83 -21.74
C ARG D 157 -34.66 1.44 -20.88
N VAL D 158 -34.81 0.91 -19.67
CA VAL D 158 -35.84 1.36 -18.73
C VAL D 158 -35.36 1.08 -17.32
N ARG D 159 -34.94 2.14 -16.62
CA ARG D 159 -34.41 2.01 -15.25
C ARG D 159 -35.44 1.42 -14.31
N GLY D 160 -35.42 1.87 -13.05
CA GLY D 160 -36.36 1.40 -12.05
C GLY D 160 -37.76 1.39 -12.64
N ASP D 161 -37.99 2.34 -13.56
CA ASP D 161 -39.27 2.48 -14.25
C ASP D 161 -39.15 3.48 -15.40
N ASN D 162 -38.69 4.69 -15.06
CA ASN D 162 -38.54 5.78 -16.02
C ASN D 162 -37.46 5.37 -17.03
N LYS D 163 -37.65 5.75 -18.29
CA LYS D 163 -36.70 5.39 -19.36
C LYS D 163 -35.29 5.96 -19.11
N GLU D 164 -34.28 5.29 -19.63
CA GLU D 164 -32.89 5.73 -19.48
C GLU D 164 -32.28 5.88 -20.88
N TYR D 165 -31.80 7.07 -21.21
CA TYR D 165 -31.23 7.32 -22.55
C TYR D 165 -29.70 7.30 -22.55
N GLU D 166 -29.13 6.62 -23.55
CA GLU D 166 -27.70 6.47 -23.61
C GLU D 166 -27.14 6.96 -24.92
N TYR D 167 -26.15 7.83 -24.85
CA TYR D 167 -25.52 8.29 -26.06
C TYR D 167 -24.15 7.75 -25.98
N SER D 168 -23.45 7.76 -27.10
CA SER D 168 -22.09 7.28 -27.15
C SER D 168 -21.39 8.00 -28.28
N VAL D 169 -20.06 7.97 -28.33
CA VAL D 169 -19.40 8.68 -29.40
C VAL D 169 -18.10 8.08 -29.84
N GLU D 170 -17.89 8.15 -31.13
CA GLU D 170 -16.67 7.66 -31.74
C GLU D 170 -15.63 8.71 -31.48
N CYS D 171 -14.41 8.25 -31.28
CA CYS D 171 -13.34 9.14 -30.97
C CYS D 171 -12.05 8.48 -31.35
N GLN D 172 -11.35 9.13 -32.26
CA GLN D 172 -10.07 8.64 -32.71
C GLN D 172 -9.09 9.73 -32.34
N GLU D 173 -7.99 9.34 -31.68
CA GLU D 173 -6.94 10.29 -31.39
C GLU D 173 -6.39 10.57 -32.79
N ASP D 174 -6.26 11.85 -33.12
CA ASP D 174 -5.82 12.26 -34.44
C ASP D 174 -4.53 11.58 -34.87
N SER D 175 -3.64 11.41 -33.91
CA SER D 175 -2.39 10.73 -34.18
C SER D 175 -2.13 9.88 -32.95
N ALA D 176 -2.53 8.61 -33.02
CA ALA D 176 -2.38 7.68 -31.91
C ALA D 176 -0.98 7.12 -31.84
N CYS D 177 -0.80 6.10 -31.01
CA CYS D 177 0.53 5.51 -30.92
C CYS D 177 0.57 4.08 -30.37
N PRO D 178 -0.60 3.52 -30.05
CA PRO D 178 -0.78 2.21 -29.44
C PRO D 178 0.31 1.85 -28.45
N ALA D 179 1.31 1.13 -28.94
CA ALA D 179 2.37 0.61 -28.11
C ALA D 179 3.06 1.48 -27.09
N ALA D 180 2.80 2.79 -27.10
CA ALA D 180 3.53 3.62 -26.14
C ALA D 180 2.91 3.78 -24.72
N GLU D 181 3.79 3.94 -23.72
CA GLU D 181 3.39 4.19 -22.35
C GLU D 181 2.80 5.60 -22.41
N GLU D 182 1.48 5.65 -22.55
CA GLU D 182 0.81 6.94 -22.62
C GLU D 182 1.14 7.60 -21.29
N SER D 183 1.63 8.82 -21.33
CA SER D 183 1.98 9.47 -20.11
C SER D 183 1.07 10.65 -19.86
N LEU D 184 0.23 10.97 -20.86
CA LEU D 184 -0.68 12.12 -20.77
C LEU D 184 -2.11 11.69 -21.00
N PRO D 185 -3.01 12.05 -20.08
CA PRO D 185 -4.34 11.49 -20.38
C PRO D 185 -5.18 12.15 -21.48
N ILE D 186 -6.11 11.35 -21.97
CA ILE D 186 -7.08 11.78 -22.97
C ILE D 186 -8.10 12.61 -22.19
N GLU D 187 -8.71 13.58 -22.85
CA GLU D 187 -9.58 14.48 -22.18
C GLU D 187 -10.90 14.50 -22.87
N VAL D 188 -11.93 14.04 -22.18
CA VAL D 188 -13.24 14.20 -22.78
C VAL D 188 -13.99 15.35 -22.12
N MET D 189 -14.60 16.15 -22.98
CA MET D 189 -15.35 17.30 -22.55
C MET D 189 -16.64 17.24 -23.33
N VAL D 190 -17.73 17.02 -22.59
CA VAL D 190 -19.07 16.96 -23.15
C VAL D 190 -19.83 18.23 -22.81
N ASP D 191 -20.12 19.02 -23.82
CA ASP D 191 -20.84 20.25 -23.62
C ASP D 191 -22.31 19.86 -23.70
N ALA D 192 -22.89 19.57 -22.54
CA ALA D 192 -24.30 19.19 -22.46
C ALA D 192 -25.15 20.43 -22.26
N VAL D 193 -26.27 20.49 -22.97
CA VAL D 193 -27.16 21.63 -22.82
C VAL D 193 -28.58 21.16 -22.75
N HIS D 194 -29.22 21.39 -21.62
CA HIS D 194 -30.61 21.02 -21.47
C HIS D 194 -31.44 22.26 -21.49
N LYS D 195 -31.90 22.63 -22.68
CA LYS D 195 -32.73 23.81 -22.86
C LYS D 195 -31.92 25.06 -22.55
N LEU D 196 -32.14 25.60 -21.36
CA LEU D 196 -31.46 26.82 -20.97
C LEU D 196 -30.30 26.53 -20.06
N LYS D 197 -30.29 25.36 -19.46
CA LYS D 197 -29.17 24.97 -18.63
C LYS D 197 -28.05 24.43 -19.52
N TYR D 198 -26.85 24.31 -18.97
CA TYR D 198 -25.68 23.85 -19.70
C TYR D 198 -24.75 23.32 -18.69
N GLU D 199 -24.25 22.13 -18.96
CA GLU D 199 -23.28 21.55 -18.07
C GLU D 199 -22.15 21.00 -18.87
N GLN D 200 -21.05 20.76 -18.17
CA GLN D 200 -19.92 20.14 -18.81
C GLN D 200 -19.50 18.90 -18.04
N TYR D 201 -19.20 17.87 -18.78
CA TYR D 201 -18.87 16.61 -18.16
C TYR D 201 -17.55 16.26 -18.73
N THR D 202 -16.66 15.89 -17.83
CA THR D 202 -15.32 15.59 -18.27
C THR D 202 -14.94 14.22 -17.77
N SER D 203 -13.93 13.69 -18.44
CA SER D 203 -13.34 12.41 -18.11
C SER D 203 -11.89 12.45 -18.61
N SER D 204 -11.03 11.81 -17.84
CA SER D 204 -9.62 11.70 -18.13
C SER D 204 -9.33 10.21 -18.07
N PHE D 205 -8.60 9.71 -19.07
CA PHE D 205 -8.27 8.29 -19.08
C PHE D 205 -7.17 8.03 -20.06
N PHE D 206 -6.37 7.03 -19.75
CA PHE D 206 -5.35 6.54 -20.64
C PHE D 206 -6.09 5.39 -21.25
N ILE D 207 -5.80 5.10 -22.51
CA ILE D 207 -6.48 3.99 -23.14
C ILE D 207 -6.33 2.72 -22.33
N ARG D 208 -5.11 2.41 -21.92
CA ARG D 208 -4.85 1.17 -21.22
C ARG D 208 -5.81 0.91 -20.08
N ASP D 209 -6.17 1.95 -19.36
CA ASP D 209 -7.08 1.78 -18.24
C ASP D 209 -8.51 1.44 -18.69
N ILE D 210 -8.85 1.83 -19.93
CA ILE D 210 -10.19 1.68 -20.48
C ILE D 210 -10.37 0.56 -21.49
N ILE D 211 -9.29 -0.17 -21.77
CA ILE D 211 -9.29 -1.29 -22.72
C ILE D 211 -10.36 -2.31 -22.34
N LYS D 212 -11.16 -2.73 -23.30
CA LYS D 212 -12.22 -3.72 -23.09
C LYS D 212 -12.29 -4.60 -24.34
N PRO D 213 -11.25 -5.42 -24.57
CA PRO D 213 -11.14 -6.27 -25.76
C PRO D 213 -12.47 -6.91 -26.06
N ASP D 214 -12.59 -7.40 -27.30
CA ASP D 214 -13.82 -8.00 -27.73
C ASP D 214 -13.91 -9.47 -27.31
N PRO D 215 -15.06 -10.09 -27.55
CA PRO D 215 -15.05 -11.50 -27.14
C PRO D 215 -14.34 -12.34 -28.18
N PRO D 216 -13.58 -13.35 -27.70
CA PRO D 216 -12.78 -14.26 -28.51
C PRO D 216 -13.72 -14.86 -29.50
N LYS D 217 -13.19 -15.23 -30.67
CA LYS D 217 -14.07 -15.76 -31.71
C LYS D 217 -13.90 -17.26 -31.97
N ASN D 218 -14.92 -17.83 -32.61
CA ASN D 218 -14.97 -19.24 -32.98
C ASN D 218 -14.62 -20.22 -31.88
N LEU D 219 -15.37 -20.19 -30.79
CA LEU D 219 -15.12 -21.17 -29.74
C LEU D 219 -15.46 -22.49 -30.44
N GLN D 220 -14.43 -23.30 -30.71
CA GLN D 220 -14.62 -24.56 -31.40
C GLN D 220 -13.98 -25.68 -30.60
N LEU D 221 -14.82 -26.59 -30.09
CA LEU D 221 -14.38 -27.72 -29.28
C LEU D 221 -14.32 -29.04 -30.04
N LYS D 222 -13.57 -29.98 -29.48
CA LYS D 222 -13.39 -31.30 -30.06
C LYS D 222 -13.18 -32.31 -28.92
N PRO D 223 -14.28 -32.90 -28.41
CA PRO D 223 -14.32 -33.85 -27.30
C PRO D 223 -13.63 -35.15 -27.65
N LEU D 224 -13.48 -36.01 -26.65
CA LEU D 224 -12.88 -37.31 -26.86
C LEU D 224 -13.92 -38.42 -26.70
N LYS D 225 -13.59 -39.60 -27.22
CA LYS D 225 -14.48 -40.77 -27.17
C LYS D 225 -14.66 -41.30 -25.74
N ASN D 226 -15.92 -41.49 -25.34
CA ASN D 226 -16.27 -42.00 -24.00
C ASN D 226 -15.76 -41.10 -22.85
N SER D 227 -16.11 -39.82 -22.96
CA SER D 227 -15.67 -38.81 -22.01
C SER D 227 -16.61 -37.61 -21.98
N ARG D 228 -16.75 -37.01 -20.81
CA ARG D 228 -17.55 -35.78 -20.62
C ARG D 228 -16.50 -34.66 -20.57
N GLN D 229 -15.55 -34.76 -21.50
CA GLN D 229 -14.41 -33.85 -21.60
C GLN D 229 -14.30 -33.28 -23.04
N VAL D 230 -13.68 -32.11 -23.15
CA VAL D 230 -13.48 -31.41 -24.44
C VAL D 230 -12.26 -30.46 -24.43
N GLU D 231 -11.49 -30.51 -25.52
CA GLU D 231 -10.37 -29.60 -25.72
C GLU D 231 -10.96 -28.46 -26.55
N VAL D 232 -10.90 -27.24 -26.04
CA VAL D 232 -11.52 -26.12 -26.72
C VAL D 232 -10.63 -25.02 -27.24
N SER D 233 -11.18 -24.24 -28.15
CA SER D 233 -10.42 -23.19 -28.78
C SER D 233 -11.18 -21.94 -29.19
N TRP D 234 -10.43 -20.84 -29.21
CA TRP D 234 -10.97 -19.55 -29.58
C TRP D 234 -9.96 -18.86 -30.47
N GLU D 235 -10.17 -17.58 -30.71
CA GLU D 235 -9.26 -16.81 -31.53
C GLU D 235 -9.48 -15.37 -31.08
N TYR D 236 -8.41 -14.57 -31.06
CA TYR D 236 -8.52 -13.17 -30.66
C TYR D 236 -9.64 -12.50 -31.49
N PRO D 237 -10.24 -11.40 -30.98
CA PRO D 237 -11.23 -10.97 -31.97
C PRO D 237 -10.54 -9.97 -32.87
N ASP D 238 -11.14 -9.68 -34.00
CA ASP D 238 -10.51 -8.79 -34.96
C ASP D 238 -10.41 -7.32 -34.55
N THR D 239 -11.31 -6.93 -33.67
CA THR D 239 -11.29 -5.60 -33.14
C THR D 239 -9.95 -5.40 -32.40
N TRP D 240 -9.47 -6.46 -31.76
CA TRP D 240 -8.23 -6.38 -31.00
C TRP D 240 -7.09 -5.79 -31.78
N SER D 241 -6.08 -5.37 -31.05
CA SER D 241 -4.88 -4.81 -31.62
C SER D 241 -3.99 -5.89 -32.24
N THR D 242 -3.43 -5.53 -33.39
CA THR D 242 -2.57 -6.35 -34.24
C THR D 242 -1.12 -5.85 -34.14
N PRO D 243 -0.14 -6.74 -33.97
CA PRO D 243 -0.06 -8.19 -33.87
C PRO D 243 -0.22 -8.69 -32.44
N HIS D 244 -0.95 -9.79 -32.28
CA HIS D 244 -1.09 -10.40 -30.98
C HIS D 244 0.31 -10.89 -30.51
N SER D 245 1.25 -10.99 -31.46
CA SER D 245 2.64 -11.39 -31.15
C SER D 245 3.18 -10.50 -30.04
N TYR D 246 2.68 -9.26 -30.04
CA TYR D 246 3.05 -8.17 -29.15
C TYR D 246 1.85 -7.88 -28.28
N PHE D 247 0.76 -7.51 -28.93
CA PHE D 247 -0.51 -7.22 -28.27
C PHE D 247 -1.17 -8.50 -27.77
N SER D 248 -0.46 -9.17 -26.89
CA SER D 248 -0.89 -10.42 -26.32
C SER D 248 -2.09 -10.28 -25.38
N LEU D 249 -3.04 -11.20 -25.53
CA LEU D 249 -4.17 -11.32 -24.64
C LEU D 249 -3.89 -12.55 -23.77
N THR D 250 -4.76 -12.79 -22.80
CA THR D 250 -4.70 -13.98 -21.98
C THR D 250 -6.17 -14.23 -21.76
N PHE D 251 -6.56 -15.49 -21.58
CA PHE D 251 -7.96 -15.77 -21.44
C PHE D 251 -8.37 -16.37 -20.15
N CYS D 252 -9.67 -16.59 -20.06
CA CYS D 252 -10.32 -17.18 -18.92
C CYS D 252 -11.13 -18.35 -19.49
N VAL D 253 -11.72 -19.15 -18.63
CA VAL D 253 -12.51 -20.29 -19.11
C VAL D 253 -13.57 -20.75 -18.11
N GLN D 254 -14.79 -20.24 -18.21
CA GLN D 254 -15.87 -20.62 -17.27
C GLN D 254 -16.57 -21.96 -17.62
N VAL D 255 -17.67 -22.26 -16.93
CA VAL D 255 -18.37 -23.53 -17.16
C VAL D 255 -19.89 -23.45 -16.98
N ASP D 265 -15.02 -24.22 -11.39
CA ASP D 265 -14.23 -22.99 -11.26
C ASP D 265 -13.59 -22.57 -12.59
N ARG D 266 -13.31 -21.26 -12.70
CA ARG D 266 -12.74 -20.68 -13.91
C ARG D 266 -11.27 -21.00 -14.01
N VAL D 267 -10.85 -21.30 -15.24
CA VAL D 267 -9.45 -21.61 -15.50
C VAL D 267 -8.90 -20.53 -16.43
N PHE D 268 -7.59 -20.30 -16.36
CA PHE D 268 -6.96 -19.24 -17.14
C PHE D 268 -5.72 -19.63 -17.91
N THR D 269 -5.75 -19.37 -19.21
CA THR D 269 -4.57 -19.62 -20.02
C THR D 269 -4.22 -18.41 -20.88
N ASP D 270 -3.04 -18.48 -21.48
CA ASP D 270 -2.58 -17.48 -22.42
C ASP D 270 -2.61 -18.17 -23.81
N LYS D 271 -3.00 -19.47 -23.81
CA LYS D 271 -3.12 -20.32 -25.01
C LYS D 271 -4.52 -20.24 -25.62
N THR D 272 -4.60 -20.17 -26.95
CA THR D 272 -5.89 -20.06 -27.63
C THR D 272 -6.71 -21.33 -27.42
N SER D 273 -6.12 -22.29 -26.70
CA SER D 273 -6.75 -23.58 -26.45
C SER D 273 -6.85 -24.00 -24.98
N ALA D 274 -7.46 -25.15 -24.76
CA ALA D 274 -7.60 -25.70 -23.44
C ALA D 274 -8.32 -27.04 -23.44
N THR D 275 -8.39 -27.66 -22.27
CA THR D 275 -9.03 -28.97 -22.15
C THR D 275 -9.77 -29.05 -20.83
N VAL D 276 -11.10 -29.04 -20.89
CA VAL D 276 -11.87 -29.13 -19.65
C VAL D 276 -13.05 -30.09 -19.63
N ILE D 277 -13.27 -30.69 -18.47
CA ILE D 277 -14.34 -31.65 -18.28
C ILE D 277 -15.72 -30.98 -18.42
N CYS D 278 -16.38 -31.27 -19.53
CA CYS D 278 -17.67 -30.67 -19.82
C CYS D 278 -18.88 -31.59 -19.65
N ARG D 279 -19.86 -31.13 -18.89
CA ARG D 279 -21.10 -31.86 -18.66
C ARG D 279 -22.23 -31.14 -19.39
N LYS D 280 -23.31 -31.84 -19.70
CA LYS D 280 -24.40 -31.22 -20.43
C LYS D 280 -25.06 -30.10 -19.63
N ASN D 281 -24.79 -30.06 -18.33
CA ASN D 281 -25.32 -29.03 -17.41
C ASN D 281 -25.28 -27.61 -18.03
N ALA D 282 -24.26 -26.83 -17.64
CA ALA D 282 -24.08 -25.46 -18.13
C ALA D 282 -23.58 -25.44 -19.58
N SER D 283 -22.59 -24.59 -19.83
CA SER D 283 -21.99 -24.44 -21.16
C SER D 283 -20.64 -23.78 -20.93
N ILE D 284 -19.85 -23.66 -21.99
CA ILE D 284 -18.53 -23.06 -21.84
C ILE D 284 -18.39 -21.65 -22.37
N SER D 285 -18.06 -20.75 -21.46
CA SER D 285 -17.83 -19.36 -21.81
C SER D 285 -16.34 -19.07 -21.62
N VAL D 286 -15.81 -18.16 -22.43
CA VAL D 286 -14.41 -17.72 -22.31
C VAL D 286 -14.24 -16.27 -22.69
N ARG D 287 -13.32 -15.60 -22.01
CA ARG D 287 -13.09 -14.19 -22.27
C ARG D 287 -11.63 -13.86 -22.28
N ALA D 288 -11.33 -12.64 -22.71
CA ALA D 288 -9.95 -12.21 -22.80
C ALA D 288 -9.67 -10.88 -22.13
N GLN D 289 -8.54 -10.81 -21.44
CA GLN D 289 -8.09 -9.61 -20.75
C GLN D 289 -6.70 -9.39 -21.34
N ASP D 290 -6.26 -8.13 -21.40
CA ASP D 290 -4.93 -7.86 -21.94
C ASP D 290 -3.96 -8.54 -20.96
N ARG D 291 -3.06 -9.37 -21.50
CA ARG D 291 -2.16 -10.14 -20.67
C ARG D 291 -1.24 -9.36 -19.78
N TYR D 292 -0.87 -8.18 -20.24
CA TYR D 292 0.12 -7.34 -19.55
C TYR D 292 -0.31 -6.24 -18.55
N TYR D 293 -1.55 -5.76 -18.70
CA TYR D 293 -2.12 -4.73 -17.83
C TYR D 293 -3.50 -5.19 -17.42
N SER D 294 -3.77 -5.31 -16.12
CA SER D 294 -5.08 -5.72 -15.69
C SER D 294 -6.09 -4.62 -15.96
N SER D 295 -6.80 -4.76 -17.07
CA SER D 295 -7.84 -3.81 -17.46
C SER D 295 -9.11 -4.64 -17.62
N SER D 296 -10.14 -4.03 -18.22
CA SER D 296 -11.41 -4.72 -18.40
C SER D 296 -11.25 -6.13 -18.99
N TRP D 297 -12.06 -7.07 -18.48
CA TRP D 297 -12.10 -8.43 -19.03
C TRP D 297 -13.10 -8.39 -20.21
N SER D 298 -12.74 -9.01 -21.33
CA SER D 298 -13.59 -9.00 -22.52
C SER D 298 -14.93 -9.52 -22.11
N GLU D 299 -15.95 -9.31 -22.93
CA GLU D 299 -17.24 -9.90 -22.60
C GLU D 299 -17.06 -11.41 -22.71
N TRP D 300 -18.10 -12.19 -22.39
CA TRP D 300 -17.97 -13.64 -22.49
C TRP D 300 -18.21 -14.14 -23.92
N ALA D 301 -18.10 -15.44 -24.08
CA ALA D 301 -18.31 -16.06 -25.38
C ALA D 301 -18.42 -17.55 -25.16
N SER D 302 -19.64 -18.06 -25.27
CA SER D 302 -19.84 -19.48 -25.06
C SER D 302 -20.21 -20.22 -26.34
N VAL D 303 -20.15 -21.54 -26.22
CA VAL D 303 -20.54 -22.46 -27.29
C VAL D 303 -21.04 -23.68 -26.53
N PRO D 304 -22.10 -23.50 -25.71
CA PRO D 304 -22.76 -24.50 -24.85
C PRO D 304 -22.45 -25.94 -25.24
N CYS D 305 -21.80 -26.64 -24.33
CA CYS D 305 -21.37 -28.05 -24.45
C CYS D 305 -22.11 -28.91 -25.49
P PO4 E . 9.53 -20.24 4.39
O1 PO4 E . 10.00 -21.55 3.64
O2 PO4 E . 9.98 -19.03 3.44
O3 PO4 E . 7.98 -20.37 4.68
O4 PO4 E . 10.15 -20.21 5.84
K K F . 27.44 -0.80 10.96
C1 MAN G . -23.80 -24.86 -14.37
C2 MAN G . -25.26 -24.34 -14.17
C3 MAN G . -25.49 -23.74 -12.73
C4 MAN G . -24.57 -24.32 -11.56
C5 MAN G . -23.20 -24.93 -12.03
C6 MAN G . -22.41 -25.70 -10.91
O2 MAN G . -26.29 -25.28 -14.60
O3 MAN G . -26.88 -23.69 -12.37
O4 MAN G . -24.39 -23.37 -10.47
O5 MAN G . -23.33 -25.68 -13.28
O6 MAN G . -21.36 -26.60 -11.40
P PO4 H . -17.54 -12.06 -13.23
O1 PO4 H . -18.40 -12.01 -11.88
O2 PO4 H . -17.09 -13.54 -13.59
O3 PO4 H . -18.38 -11.53 -14.48
O4 PO4 H . -16.21 -11.24 -12.93
K K I . -27.54 13.67 -12.44
#